data_2ZAJ
#
_entry.id   2ZAJ
#
_entity_poly.entity_id   1
_entity_poly.type   'polypeptide(L)'
_entity_poly.pdbx_seq_one_letter_code
;GSSGSSGLDSELELPAGWEKIEDPVYGIYYVDHINRKTQYENPSGPSSG
;
_entity_poly.pdbx_strand_id   A
#
# COMPACT_ATOMS: atom_id res chain seq x y z
N GLY A 1 1.10 -13.88 -15.22
CA GLY A 1 1.05 -12.55 -14.65
C GLY A 1 2.42 -11.90 -14.55
N SER A 2 2.95 -11.80 -13.34
CA SER A 2 4.26 -11.20 -13.12
C SER A 2 5.06 -12.00 -12.10
N SER A 3 6.38 -11.95 -12.23
CA SER A 3 7.26 -12.67 -11.32
C SER A 3 8.27 -11.72 -10.67
N GLY A 4 8.74 -12.10 -9.49
CA GLY A 4 9.71 -11.27 -8.77
C GLY A 4 9.23 -10.92 -7.38
N SER A 5 9.74 -9.81 -6.86
CA SER A 5 9.37 -9.36 -5.52
C SER A 5 8.80 -7.94 -5.56
N SER A 6 8.09 -7.57 -4.50
CA SER A 6 7.48 -6.25 -4.41
C SER A 6 7.41 -5.77 -2.97
N GLY A 7 7.00 -4.52 -2.78
CA GLY A 7 6.89 -3.96 -1.44
C GLY A 7 8.20 -4.05 -0.67
N LEU A 8 9.24 -3.40 -1.20
CA LEU A 8 10.55 -3.42 -0.56
C LEU A 8 10.63 -2.34 0.52
N ASP A 9 10.19 -1.13 0.20
CA ASP A 9 10.21 -0.02 1.14
C ASP A 9 8.82 0.22 1.71
N SER A 10 8.68 0.06 3.02
CA SER A 10 7.40 0.26 3.69
C SER A 10 7.44 1.52 4.55
N GLU A 11 8.42 2.38 4.30
CA GLU A 11 8.56 3.62 5.06
C GLU A 11 8.21 4.82 4.19
N LEU A 12 7.59 4.56 3.04
CA LEU A 12 7.20 5.61 2.12
C LEU A 12 5.68 5.71 2.01
N GLU A 13 5.19 6.89 1.67
CA GLU A 13 3.75 7.11 1.52
C GLU A 13 3.24 6.50 0.22
N LEU A 14 1.92 6.48 0.06
CA LEU A 14 1.30 5.94 -1.14
C LEU A 14 1.14 7.00 -2.22
N PRO A 15 1.13 6.57 -3.48
CA PRO A 15 0.98 7.47 -4.63
C PRO A 15 -0.41 8.08 -4.72
N ALA A 16 -0.65 8.84 -5.78
CA ALA A 16 -1.95 9.47 -5.98
C ALA A 16 -3.05 8.44 -6.18
N GLY A 17 -4.25 8.75 -5.71
CA GLY A 17 -5.37 7.83 -5.84
C GLY A 17 -5.47 6.88 -4.66
N TRP A 18 -4.34 6.33 -4.25
CA TRP A 18 -4.32 5.40 -3.12
C TRP A 18 -4.62 6.12 -1.81
N GLU A 19 -5.36 5.45 -0.93
CA GLU A 19 -5.71 6.02 0.36
C GLU A 19 -5.95 4.93 1.40
N LYS A 20 -5.09 4.88 2.42
CA LYS A 20 -5.21 3.90 3.47
C LYS A 20 -6.39 4.20 4.38
N ILE A 21 -7.05 3.15 4.86
CA ILE A 21 -8.21 3.32 5.74
C ILE A 21 -8.05 2.47 7.00
N GLU A 22 -8.26 3.11 8.16
CA GLU A 22 -8.15 2.40 9.44
C GLU A 22 -9.53 2.12 10.03
N ASP A 23 -9.84 0.84 10.19
CA ASP A 23 -11.13 0.45 10.75
C ASP A 23 -10.95 -0.70 11.75
N PRO A 24 -11.70 -0.64 12.86
CA PRO A 24 -11.65 -1.66 13.91
C PRO A 24 -12.25 -2.99 13.46
N VAL A 25 -12.87 -2.98 12.28
CA VAL A 25 -13.48 -4.19 11.74
C VAL A 25 -12.75 -4.65 10.47
N TYR A 26 -12.33 -3.70 9.66
CA TYR A 26 -11.62 -4.01 8.42
C TYR A 26 -10.11 -3.89 8.60
N GLY A 27 -9.71 -2.99 9.50
CA GLY A 27 -8.29 -2.79 9.75
C GLY A 27 -7.66 -1.78 8.81
N ILE A 28 -6.42 -2.05 8.41
CA ILE A 28 -5.71 -1.16 7.50
C ILE A 28 -5.75 -1.68 6.07
N TYR A 29 -6.47 -0.97 5.21
CA TYR A 29 -6.60 -1.36 3.82
C TYR A 29 -6.47 -0.16 2.89
N TYR A 30 -5.64 -0.28 1.87
CA TYR A 30 -5.43 0.80 0.92
C TYR A 30 -6.43 0.72 -0.23
N VAL A 31 -7.18 1.80 -0.43
CA VAL A 31 -8.17 1.86 -1.49
C VAL A 31 -7.75 2.82 -2.60
N ASP A 32 -7.54 2.28 -3.79
CA ASP A 32 -7.13 3.09 -4.93
C ASP A 32 -8.33 3.49 -5.78
N HIS A 33 -8.72 4.76 -5.68
CA HIS A 33 -9.86 5.27 -6.44
C HIS A 33 -9.52 5.37 -7.93
N ILE A 34 -8.24 5.29 -8.24
CA ILE A 34 -7.78 5.38 -9.62
C ILE A 34 -7.83 4.01 -10.31
N ASN A 35 -7.05 3.08 -9.79
CA ASN A 35 -7.01 1.72 -10.35
C ASN A 35 -8.19 0.89 -9.85
N ARG A 36 -8.87 1.39 -8.82
CA ARG A 36 -10.02 0.70 -8.26
C ARG A 36 -9.60 -0.65 -7.68
N LYS A 37 -8.52 -0.66 -6.92
CA LYS A 37 -8.02 -1.87 -6.30
C LYS A 37 -7.80 -1.69 -4.80
N THR A 38 -7.86 -2.78 -4.06
CA THR A 38 -7.68 -2.74 -2.61
C THR A 38 -6.64 -3.76 -2.15
N GLN A 39 -5.55 -3.28 -1.57
CA GLN A 39 -4.49 -4.15 -1.09
C GLN A 39 -3.79 -3.53 0.11
N TYR A 40 -3.43 -4.37 1.08
CA TYR A 40 -2.74 -3.92 2.28
C TYR A 40 -1.29 -3.58 1.99
N GLU A 41 -0.74 -4.21 0.96
CA GLU A 41 0.65 -3.97 0.57
C GLU A 41 0.86 -2.52 0.15
N ASN A 42 2.11 -2.09 0.15
CA ASN A 42 2.44 -0.71 -0.24
C ASN A 42 3.31 -0.71 -1.50
N PRO A 43 2.68 -0.41 -2.64
CA PRO A 43 3.36 -0.35 -3.94
C PRO A 43 4.32 0.83 -4.03
N SER A 44 4.43 1.58 -2.95
CA SER A 44 5.31 2.76 -2.91
C SER A 44 6.72 2.38 -3.38
N GLY A 45 7.39 3.34 -4.00
CA GLY A 45 8.74 3.09 -4.48
C GLY A 45 8.89 3.39 -5.96
N PRO A 46 10.13 3.23 -6.48
CA PRO A 46 10.42 3.46 -7.90
C PRO A 46 9.80 2.42 -8.81
N SER A 47 8.53 2.63 -9.18
CA SER A 47 7.82 1.70 -10.03
C SER A 47 6.89 2.44 -10.98
N SER A 48 7.26 2.49 -12.26
CA SER A 48 6.47 3.17 -13.27
C SER A 48 5.57 2.19 -14.01
N GLY A 49 4.57 2.71 -14.71
CA GLY A 49 3.65 1.88 -15.45
C GLY A 49 2.53 2.67 -16.10
N GLY A 1 15.88 -4.07 3.92
CA GLY A 1 15.43 -5.44 4.10
C GLY A 1 16.58 -6.40 4.34
N SER A 2 16.30 -7.51 5.01
CA SER A 2 17.32 -8.50 5.31
C SER A 2 17.95 -9.03 4.03
N SER A 3 17.10 -9.47 3.09
CA SER A 3 17.59 -10.01 1.82
C SER A 3 18.07 -8.88 0.91
N GLY A 4 17.28 -7.80 0.84
CA GLY A 4 17.65 -6.68 0.01
C GLY A 4 17.66 -5.37 0.76
N SER A 5 18.41 -4.39 0.25
CA SER A 5 18.51 -3.09 0.89
C SER A 5 17.84 -2.02 0.05
N SER A 6 17.26 -1.02 0.70
CA SER A 6 16.59 0.07 0.02
C SER A 6 15.49 -0.47 -0.90
N GLY A 7 14.74 -1.44 -0.40
CA GLY A 7 13.67 -2.03 -1.18
C GLY A 7 12.33 -2.01 -0.45
N LEU A 8 12.18 -2.90 0.52
CA LEU A 8 10.95 -2.98 1.29
C LEU A 8 10.99 -2.02 2.48
N ASP A 9 10.24 -0.93 2.37
CA ASP A 9 10.19 0.07 3.43
C ASP A 9 8.74 0.43 3.77
N SER A 10 8.39 0.34 5.05
CA SER A 10 7.05 0.66 5.49
C SER A 10 6.98 2.06 6.09
N GLU A 11 8.00 2.87 5.80
CA GLU A 11 8.06 4.23 6.30
C GLU A 11 7.79 5.24 5.19
N LEU A 12 7.25 4.76 4.08
CA LEU A 12 6.93 5.61 2.94
C LEU A 12 5.44 5.83 2.81
N GLU A 13 5.04 6.71 1.89
CA GLU A 13 3.64 7.00 1.67
C GLU A 13 3.15 6.41 0.36
N LEU A 14 1.84 6.43 0.15
CA LEU A 14 1.25 5.88 -1.06
C LEU A 14 1.11 6.95 -2.14
N PRO A 15 1.09 6.52 -3.40
CA PRO A 15 0.97 7.43 -4.55
C PRO A 15 -0.42 8.06 -4.64
N ALA A 16 -0.66 8.79 -5.73
CA ALA A 16 -1.95 9.44 -5.93
C ALA A 16 -3.06 8.41 -6.12
N GLY A 17 -4.27 8.77 -5.69
CA GLY A 17 -5.40 7.86 -5.83
C GLY A 17 -5.52 6.91 -4.65
N TRP A 18 -4.38 6.38 -4.21
CA TRP A 18 -4.36 5.45 -3.08
C TRP A 18 -4.67 6.16 -1.78
N GLU A 19 -5.39 5.48 -0.89
CA GLU A 19 -5.76 6.06 0.41
C GLU A 19 -5.99 4.96 1.44
N LYS A 20 -5.13 4.90 2.44
CA LYS A 20 -5.24 3.91 3.50
C LYS A 20 -6.41 4.22 4.42
N ILE A 21 -7.13 3.19 4.83
CA ILE A 21 -8.27 3.36 5.72
C ILE A 21 -8.11 2.53 6.99
N GLU A 22 -8.29 3.18 8.14
CA GLU A 22 -8.15 2.50 9.42
C GLU A 22 -9.53 2.19 10.02
N ASP A 23 -9.81 0.91 10.20
CA ASP A 23 -11.09 0.47 10.74
C ASP A 23 -10.89 -0.68 11.74
N PRO A 24 -11.63 -0.63 12.85
CA PRO A 24 -11.55 -1.66 13.89
C PRO A 24 -12.14 -2.99 13.44
N VAL A 25 -12.81 -2.98 12.28
CA VAL A 25 -13.41 -4.19 11.73
C VAL A 25 -12.69 -4.64 10.47
N TYR A 26 -12.28 -3.68 9.66
CA TYR A 26 -11.57 -3.98 8.42
C TYR A 26 -10.06 -3.86 8.60
N GLY A 27 -9.65 -2.94 9.47
CA GLY A 27 -8.24 -2.75 9.73
C GLY A 27 -7.61 -1.74 8.78
N ILE A 28 -6.35 -1.98 8.40
CA ILE A 28 -5.65 -1.09 7.50
C ILE A 28 -5.68 -1.62 6.07
N TYR A 29 -6.43 -0.94 5.21
CA TYR A 29 -6.55 -1.34 3.81
C TYR A 29 -6.44 -0.13 2.89
N TYR A 30 -5.60 -0.25 1.87
CA TYR A 30 -5.40 0.84 0.91
C TYR A 30 -6.40 0.73 -0.25
N VAL A 31 -7.15 1.79 -0.47
CA VAL A 31 -8.14 1.81 -1.54
C VAL A 31 -7.73 2.78 -2.65
N ASP A 32 -7.47 2.23 -3.84
CA ASP A 32 -7.07 3.05 -4.98
C ASP A 32 -8.28 3.43 -5.83
N HIS A 33 -8.74 4.67 -5.67
CA HIS A 33 -9.89 5.15 -6.43
C HIS A 33 -9.56 5.26 -7.92
N ILE A 34 -8.26 5.29 -8.23
CA ILE A 34 -7.81 5.40 -9.60
C ILE A 34 -7.86 4.04 -10.31
N ASN A 35 -7.05 3.10 -9.81
CA ASN A 35 -7.01 1.76 -10.39
C ASN A 35 -8.16 0.91 -9.88
N ARG A 36 -8.79 1.35 -8.80
CA ARG A 36 -9.90 0.63 -8.21
C ARG A 36 -9.45 -0.73 -7.68
N LYS A 37 -8.36 -0.73 -6.92
CA LYS A 37 -7.83 -1.97 -6.35
C LYS A 37 -7.50 -1.79 -4.88
N THR A 38 -8.00 -2.70 -4.05
CA THR A 38 -7.76 -2.64 -2.62
C THR A 38 -6.74 -3.68 -2.19
N GLN A 39 -5.64 -3.22 -1.60
CA GLN A 39 -4.57 -4.10 -1.14
C GLN A 39 -3.85 -3.51 0.06
N TYR A 40 -3.51 -4.36 1.02
CA TYR A 40 -2.81 -3.93 2.22
C TYR A 40 -1.35 -3.61 1.92
N GLU A 41 -0.83 -4.21 0.85
CA GLU A 41 0.56 -3.99 0.45
C GLU A 41 0.78 -2.55 0.03
N ASN A 42 2.04 -2.11 0.08
CA ASN A 42 2.39 -0.74 -0.29
C ASN A 42 3.28 -0.73 -1.53
N PRO A 43 2.68 -0.41 -2.69
CA PRO A 43 3.41 -0.37 -3.96
C PRO A 43 4.37 0.82 -4.03
N SER A 44 4.43 1.59 -2.95
CA SER A 44 5.31 2.76 -2.89
C SER A 44 6.74 2.37 -3.23
N GLY A 45 7.58 3.38 -3.46
CA GLY A 45 8.97 3.13 -3.78
C GLY A 45 9.37 3.75 -5.11
N PRO A 46 10.69 3.91 -5.33
CA PRO A 46 11.23 4.49 -6.55
C PRO A 46 11.03 3.57 -7.76
N SER A 47 10.53 2.37 -7.52
CA SER A 47 10.30 1.40 -8.58
C SER A 47 9.15 1.84 -9.47
N SER A 48 7.99 2.08 -8.87
CA SER A 48 6.81 2.49 -9.62
C SER A 48 7.06 3.82 -10.33
N GLY A 49 6.94 3.81 -11.66
CA GLY A 49 7.16 5.01 -12.44
C GLY A 49 7.49 4.71 -13.89
N GLY A 1 14.75 -18.55 -0.34
CA GLY A 1 13.46 -18.85 -0.93
C GLY A 1 12.43 -17.78 -0.64
N SER A 2 11.33 -18.16 -0.01
CA SER A 2 10.25 -17.23 0.32
C SER A 2 10.73 -16.19 1.33
N SER A 3 10.19 -14.98 1.23
CA SER A 3 10.57 -13.89 2.13
C SER A 3 12.03 -13.52 1.95
N GLY A 4 12.47 -13.45 0.69
CA GLY A 4 13.84 -13.10 0.40
C GLY A 4 14.06 -11.61 0.37
N SER A 5 13.79 -10.98 -0.77
CA SER A 5 13.97 -9.54 -0.92
C SER A 5 13.13 -8.78 0.10
N SER A 6 13.79 -8.24 1.11
CA SER A 6 13.12 -7.48 2.15
C SER A 6 12.66 -6.12 1.64
N GLY A 7 11.37 -5.83 1.83
CA GLY A 7 10.83 -4.56 1.37
C GLY A 7 11.02 -3.46 2.38
N LEU A 8 10.30 -3.54 3.49
CA LEU A 8 10.39 -2.54 4.54
C LEU A 8 10.03 -1.16 4.01
N ASP A 9 8.99 -1.10 3.18
CA ASP A 9 8.54 0.16 2.60
C ASP A 9 7.53 0.85 3.52
N SER A 10 7.51 0.43 4.78
CA SER A 10 6.60 1.01 5.76
C SER A 10 7.07 2.40 6.20
N GLU A 11 8.13 2.89 5.56
CA GLU A 11 8.68 4.19 5.88
C GLU A 11 8.41 5.19 4.76
N LEU A 12 7.46 4.85 3.90
CA LEU A 12 7.10 5.70 2.77
C LEU A 12 5.59 5.94 2.71
N GLU A 13 5.15 6.75 1.76
CA GLU A 13 3.73 7.04 1.60
C GLU A 13 3.20 6.45 0.31
N LEU A 14 1.88 6.50 0.14
CA LEU A 14 1.24 5.96 -1.06
C LEU A 14 1.11 7.04 -2.14
N PRO A 15 1.11 6.61 -3.41
CA PRO A 15 0.98 7.52 -4.55
C PRO A 15 -0.41 8.15 -4.64
N ALA A 16 -0.65 8.86 -5.74
CA ALA A 16 -1.94 9.51 -5.95
C ALA A 16 -3.04 8.48 -6.16
N GLY A 17 -4.24 8.80 -5.70
CA GLY A 17 -5.37 7.89 -5.84
C GLY A 17 -5.47 6.92 -4.67
N TRP A 18 -4.34 6.42 -4.22
CA TRP A 18 -4.31 5.47 -3.10
C TRP A 18 -4.62 6.18 -1.80
N GLU A 19 -5.35 5.50 -0.92
CA GLU A 19 -5.71 6.06 0.38
C GLU A 19 -5.94 4.95 1.41
N LYS A 20 -5.11 4.92 2.43
CA LYS A 20 -5.21 3.92 3.48
C LYS A 20 -6.39 4.22 4.40
N ILE A 21 -7.09 3.18 4.82
CA ILE A 21 -8.24 3.33 5.71
C ILE A 21 -8.07 2.50 6.98
N GLU A 22 -8.27 3.14 8.12
CA GLU A 22 -8.14 2.46 9.41
C GLU A 22 -9.52 2.15 10.00
N ASP A 23 -9.81 0.87 10.18
CA ASP A 23 -11.09 0.45 10.74
C ASP A 23 -10.90 -0.70 11.72
N PRO A 24 -11.64 -0.67 12.83
CA PRO A 24 -11.57 -1.70 13.87
C PRO A 24 -12.17 -3.02 13.41
N VAL A 25 -12.82 -3.00 12.25
CA VAL A 25 -13.43 -4.21 11.69
C VAL A 25 -12.70 -4.66 10.43
N TYR A 26 -12.28 -3.69 9.63
CA TYR A 26 -11.58 -3.99 8.38
C TYR A 26 -10.07 -3.87 8.57
N GLY A 27 -9.65 -2.97 9.46
CA GLY A 27 -8.24 -2.78 9.71
C GLY A 27 -7.61 -1.77 8.76
N ILE A 28 -6.35 -2.00 8.42
CA ILE A 28 -5.63 -1.11 7.51
C ILE A 28 -5.67 -1.64 6.07
N TYR A 29 -6.42 -0.96 5.22
CA TYR A 29 -6.52 -1.36 3.82
C TYR A 29 -6.44 -0.15 2.90
N TYR A 30 -5.59 -0.25 1.88
CA TYR A 30 -5.41 0.84 0.92
C TYR A 30 -6.40 0.71 -0.23
N VAL A 31 -7.14 1.79 -0.49
CA VAL A 31 -8.12 1.80 -1.57
C VAL A 31 -7.71 2.77 -2.68
N ASP A 32 -7.45 2.21 -3.87
CA ASP A 32 -7.05 3.02 -5.01
C ASP A 32 -8.25 3.41 -5.86
N HIS A 33 -8.70 4.65 -5.70
CA HIS A 33 -9.85 5.16 -6.45
C HIS A 33 -9.51 5.28 -7.93
N ILE A 34 -8.23 5.27 -8.26
CA ILE A 34 -7.78 5.37 -9.63
C ILE A 34 -7.83 4.02 -10.33
N ASN A 35 -7.11 3.05 -9.78
CA ASN A 35 -7.07 1.70 -10.35
C ASN A 35 -8.21 0.85 -9.81
N ARG A 36 -8.85 1.32 -8.74
CA ARG A 36 -9.97 0.61 -8.13
C ARG A 36 -9.51 -0.75 -7.60
N LYS A 37 -8.40 -0.76 -6.86
CA LYS A 37 -7.86 -1.99 -6.30
C LYS A 37 -7.54 -1.81 -4.82
N THR A 38 -8.08 -2.70 -4.00
CA THR A 38 -7.84 -2.65 -2.56
C THR A 38 -6.80 -3.68 -2.13
N GLN A 39 -5.71 -3.20 -1.55
CA GLN A 39 -4.64 -4.08 -1.10
C GLN A 39 -3.93 -3.49 0.11
N TYR A 40 -3.55 -4.33 1.06
CA TYR A 40 -2.86 -3.89 2.26
C TYR A 40 -1.40 -3.58 1.96
N GLU A 41 -0.87 -4.20 0.91
CA GLU A 41 0.52 -3.99 0.51
C GLU A 41 0.75 -2.53 0.11
N ASN A 42 2.02 -2.13 0.11
CA ASN A 42 2.38 -0.76 -0.26
C ASN A 42 3.23 -0.74 -1.53
N PRO A 43 2.60 -0.40 -2.66
CA PRO A 43 3.29 -0.34 -3.95
C PRO A 43 4.27 0.83 -4.03
N SER A 44 4.42 1.55 -2.93
CA SER A 44 5.32 2.69 -2.88
C SER A 44 6.71 2.31 -3.36
N GLY A 45 7.40 3.26 -4.00
CA GLY A 45 8.72 3.00 -4.51
C GLY A 45 8.92 3.53 -5.92
N PRO A 46 10.17 3.50 -6.40
CA PRO A 46 10.51 3.97 -7.74
C PRO A 46 9.97 3.04 -8.84
N SER A 47 8.81 3.39 -9.37
CA SER A 47 8.18 2.59 -10.42
C SER A 47 8.86 2.82 -11.75
N SER A 48 9.08 4.09 -12.10
CA SER A 48 9.73 4.45 -13.35
C SER A 48 11.03 3.68 -13.53
N GLY A 49 11.90 3.75 -12.52
CA GLY A 49 13.16 3.06 -12.59
C GLY A 49 14.31 3.87 -12.00
N GLY A 1 15.22 -16.52 7.01
CA GLY A 1 13.86 -16.59 7.51
C GLY A 1 12.95 -17.41 6.61
N SER A 2 12.05 -18.18 7.21
CA SER A 2 11.13 -19.01 6.46
C SER A 2 9.99 -18.18 5.91
N SER A 3 9.92 -18.07 4.58
CA SER A 3 8.87 -17.31 3.93
C SER A 3 8.87 -15.86 4.41
N GLY A 4 10.07 -15.28 4.53
CA GLY A 4 10.19 -13.91 4.98
C GLY A 4 10.15 -12.92 3.83
N SER A 5 10.53 -11.68 4.11
CA SER A 5 10.52 -10.63 3.10
C SER A 5 11.80 -9.80 3.17
N SER A 6 12.16 -9.17 2.05
CA SER A 6 13.35 -8.35 1.98
C SER A 6 13.36 -7.32 3.11
N GLY A 7 12.31 -6.50 3.16
CA GLY A 7 12.22 -5.48 4.19
C GLY A 7 10.96 -4.65 4.07
N LEU A 8 10.85 -3.62 4.90
CA LEU A 8 9.68 -2.74 4.88
C LEU A 8 10.10 -1.28 4.95
N ASP A 9 9.32 -0.41 4.31
CA ASP A 9 9.61 1.02 4.32
C ASP A 9 8.45 1.81 4.90
N SER A 10 8.60 2.26 6.15
CA SER A 10 7.56 3.02 6.82
C SER A 10 7.88 4.52 6.79
N GLU A 11 8.80 4.90 5.92
CA GLU A 11 9.20 6.30 5.79
C GLU A 11 8.77 6.87 4.44
N LEU A 12 7.86 6.17 3.77
CA LEU A 12 7.36 6.61 2.47
C LEU A 12 5.85 6.64 2.44
N GLU A 13 5.28 7.38 1.50
CA GLU A 13 3.84 7.49 1.37
C GLU A 13 3.36 6.84 0.06
N LEU A 14 2.05 6.74 -0.09
CA LEU A 14 1.46 6.14 -1.28
C LEU A 14 1.24 7.18 -2.36
N PRO A 15 1.20 6.73 -3.63
CA PRO A 15 1.00 7.62 -4.78
C PRO A 15 -0.41 8.17 -4.84
N ALA A 16 -0.71 8.92 -5.90
CA ALA A 16 -2.03 9.51 -6.08
C ALA A 16 -3.10 8.43 -6.26
N GLY A 17 -4.28 8.68 -5.71
CA GLY A 17 -5.36 7.72 -5.81
C GLY A 17 -5.42 6.77 -4.64
N TRP A 18 -4.25 6.30 -4.19
CA TRP A 18 -4.18 5.38 -3.07
C TRP A 18 -4.47 6.09 -1.76
N GLU A 19 -5.25 5.44 -0.89
CA GLU A 19 -5.60 6.01 0.39
C GLU A 19 -5.85 4.92 1.42
N LYS A 20 -4.99 4.87 2.44
CA LYS A 20 -5.10 3.87 3.51
C LYS A 20 -6.30 4.18 4.41
N ILE A 21 -6.95 3.13 4.89
CA ILE A 21 -8.10 3.28 5.76
C ILE A 21 -7.95 2.44 7.03
N GLU A 22 -8.20 3.06 8.17
CA GLU A 22 -8.09 2.36 9.46
C GLU A 22 -9.48 2.08 10.03
N ASP A 23 -9.80 0.80 10.21
CA ASP A 23 -11.09 0.40 10.75
C ASP A 23 -10.92 -0.75 11.74
N PRO A 24 -11.67 -0.70 12.84
CA PRO A 24 -11.62 -1.74 13.89
C PRO A 24 -12.23 -3.06 13.42
N VAL A 25 -12.84 -3.04 12.23
CA VAL A 25 -13.45 -4.23 11.68
C VAL A 25 -12.72 -4.69 10.42
N TYR A 26 -12.29 -3.73 9.61
CA TYR A 26 -11.58 -4.03 8.37
C TYR A 26 -10.07 -3.92 8.56
N GLY A 27 -9.66 -3.02 9.46
CA GLY A 27 -8.25 -2.83 9.72
C GLY A 27 -7.61 -1.83 8.78
N ILE A 28 -6.36 -2.08 8.41
CA ILE A 28 -5.64 -1.20 7.50
C ILE A 28 -5.70 -1.71 6.07
N TYR A 29 -6.42 -0.98 5.21
CA TYR A 29 -6.55 -1.36 3.81
C TYR A 29 -6.47 -0.14 2.90
N TYR A 30 -5.64 -0.24 1.86
CA TYR A 30 -5.46 0.86 0.93
C TYR A 30 -6.49 0.77 -0.21
N VAL A 31 -7.19 1.87 -0.46
CA VAL A 31 -8.19 1.92 -1.51
C VAL A 31 -7.76 2.86 -2.63
N ASP A 32 -7.55 2.31 -3.82
CA ASP A 32 -7.13 3.11 -4.97
C ASP A 32 -8.34 3.49 -5.82
N HIS A 33 -8.79 4.74 -5.69
CA HIS A 33 -9.93 5.23 -6.44
C HIS A 33 -9.59 5.36 -7.92
N ILE A 34 -8.29 5.32 -8.22
CA ILE A 34 -7.84 5.44 -9.61
C ILE A 34 -7.81 4.08 -10.30
N ASN A 35 -7.02 3.16 -9.76
CA ASN A 35 -6.91 1.82 -10.33
C ASN A 35 -8.05 0.92 -9.84
N ARG A 36 -8.74 1.38 -8.79
CA ARG A 36 -9.85 0.62 -8.23
C ARG A 36 -9.38 -0.73 -7.70
N LYS A 37 -8.29 -0.72 -6.94
CA LYS A 37 -7.73 -1.93 -6.37
C LYS A 37 -7.47 -1.77 -4.87
N THR A 38 -7.97 -2.72 -4.08
CA THR A 38 -7.79 -2.68 -2.65
C THR A 38 -6.80 -3.74 -2.18
N GLN A 39 -5.73 -3.30 -1.52
CA GLN A 39 -4.70 -4.21 -1.03
C GLN A 39 -4.04 -3.65 0.23
N TYR A 40 -3.74 -4.54 1.17
CA TYR A 40 -3.11 -4.14 2.43
C TYR A 40 -1.65 -3.75 2.20
N GLU A 41 -1.05 -4.33 1.17
CA GLU A 41 0.35 -4.05 0.85
C GLU A 41 0.51 -2.62 0.33
N ASN A 42 1.75 -2.13 0.34
CA ASN A 42 2.03 -0.77 -0.12
C ASN A 42 3.05 -0.79 -1.26
N PRO A 43 2.57 -0.49 -2.48
CA PRO A 43 3.42 -0.46 -3.67
C PRO A 43 4.41 0.70 -3.66
N SER A 44 4.38 1.48 -2.59
CA SER A 44 5.26 2.63 -2.45
C SER A 44 6.71 2.22 -2.70
N GLY A 45 7.60 3.22 -2.78
CA GLY A 45 9.00 2.94 -3.02
C GLY A 45 9.34 2.87 -4.49
N PRO A 46 10.60 2.54 -4.80
CA PRO A 46 11.08 2.42 -6.18
C PRO A 46 10.50 1.20 -6.88
N SER A 47 9.97 0.26 -6.11
CA SER A 47 9.38 -0.94 -6.66
C SER A 47 10.43 -1.75 -7.43
N SER A 48 11.62 -1.84 -6.87
CA SER A 48 12.72 -2.58 -7.50
C SER A 48 12.45 -4.08 -7.44
N GLY A 49 12.74 -4.77 -8.55
CA GLY A 49 12.53 -6.20 -8.60
C GLY A 49 11.64 -6.61 -9.75
N GLY A 1 16.38 -20.78 1.87
CA GLY A 1 16.11 -19.35 1.81
C GLY A 1 17.03 -18.55 2.71
N SER A 2 17.45 -17.38 2.24
CA SER A 2 18.34 -16.52 3.00
C SER A 2 17.55 -15.54 3.88
N SER A 3 18.25 -14.80 4.71
CA SER A 3 17.61 -13.83 5.61
C SER A 3 16.86 -12.78 4.80
N GLY A 4 15.83 -12.19 5.41
CA GLY A 4 15.06 -11.17 4.74
C GLY A 4 14.19 -11.73 3.62
N SER A 5 13.14 -12.46 3.99
CA SER A 5 12.25 -13.06 3.02
C SER A 5 11.40 -11.99 2.33
N SER A 6 10.84 -11.10 3.11
CA SER A 6 10.00 -10.02 2.58
C SER A 6 10.72 -8.69 2.65
N GLY A 7 10.55 -7.87 1.62
CA GLY A 7 11.19 -6.56 1.59
C GLY A 7 10.25 -5.46 1.16
N LEU A 8 9.54 -4.88 2.13
CA LEU A 8 8.60 -3.80 1.85
C LEU A 8 9.02 -2.52 2.56
N ASP A 9 8.81 -1.38 1.88
CA ASP A 9 9.15 -0.09 2.45
C ASP A 9 7.97 0.52 3.20
N SER A 10 8.08 0.59 4.52
CA SER A 10 7.02 1.14 5.35
C SER A 10 7.37 2.55 5.83
N GLU A 11 8.36 3.15 5.17
CA GLU A 11 8.78 4.50 5.52
C GLU A 11 8.50 5.48 4.39
N LEU A 12 7.64 5.06 3.46
CA LEU A 12 7.27 5.90 2.32
C LEU A 12 5.76 6.02 2.20
N GLU A 13 5.32 7.11 1.55
CA GLU A 13 3.89 7.35 1.37
C GLU A 13 3.39 6.70 0.07
N LEU A 14 2.08 6.70 -0.12
CA LEU A 14 1.48 6.11 -1.30
C LEU A 14 1.25 7.17 -2.37
N PRO A 15 1.22 6.73 -3.64
CA PRO A 15 1.01 7.63 -4.79
C PRO A 15 -0.41 8.18 -4.84
N ALA A 16 -0.73 8.92 -5.90
CA ALA A 16 -2.04 9.51 -6.07
C ALA A 16 -3.10 8.43 -6.25
N GLY A 17 -4.29 8.68 -5.69
CA GLY A 17 -5.37 7.71 -5.81
C GLY A 17 -5.42 6.75 -4.63
N TRP A 18 -4.26 6.29 -4.20
CA TRP A 18 -4.17 5.36 -3.08
C TRP A 18 -4.47 6.07 -1.77
N GLU A 19 -5.24 5.41 -0.90
CA GLU A 19 -5.61 5.98 0.39
C GLU A 19 -5.85 4.88 1.42
N LYS A 20 -5.03 4.86 2.46
CA LYS A 20 -5.16 3.86 3.51
C LYS A 20 -6.34 4.18 4.43
N ILE A 21 -7.02 3.14 4.89
CA ILE A 21 -8.17 3.31 5.77
C ILE A 21 -8.02 2.47 7.04
N GLU A 22 -8.25 3.09 8.19
CA GLU A 22 -8.14 2.40 9.47
C GLU A 22 -9.53 2.10 10.04
N ASP A 23 -9.83 0.81 10.19
CA ASP A 23 -11.11 0.39 10.74
C ASP A 23 -10.94 -0.76 11.73
N PRO A 24 -11.69 -0.71 12.84
CA PRO A 24 -11.62 -1.72 13.89
C PRO A 24 -12.24 -3.05 13.44
N VAL A 25 -12.83 -3.04 12.25
CA VAL A 25 -13.44 -4.25 11.69
C VAL A 25 -12.72 -4.71 10.44
N TYR A 26 -12.30 -3.75 9.62
CA TYR A 26 -11.60 -4.05 8.38
C TYR A 26 -10.09 -3.93 8.56
N GLY A 27 -9.68 -3.03 9.45
CA GLY A 27 -8.26 -2.83 9.70
C GLY A 27 -7.64 -1.82 8.76
N ILE A 28 -6.38 -2.04 8.40
CA ILE A 28 -5.67 -1.14 7.50
C ILE A 28 -5.71 -1.66 6.06
N TYR A 29 -6.44 -0.95 5.21
CA TYR A 29 -6.55 -1.34 3.80
C TYR A 29 -6.46 -0.11 2.89
N TYR A 30 -5.65 -0.21 1.85
CA TYR A 30 -5.48 0.88 0.90
C TYR A 30 -6.50 0.79 -0.23
N VAL A 31 -7.19 1.90 -0.48
CA VAL A 31 -8.19 1.93 -1.54
C VAL A 31 -7.77 2.88 -2.66
N ASP A 32 -7.54 2.33 -3.85
CA ASP A 32 -7.14 3.13 -5.00
C ASP A 32 -8.34 3.54 -5.84
N HIS A 33 -8.78 4.78 -5.69
CA HIS A 33 -9.92 5.30 -6.43
C HIS A 33 -9.58 5.43 -7.91
N ILE A 34 -8.30 5.33 -8.24
CA ILE A 34 -7.85 5.44 -9.62
C ILE A 34 -7.85 4.08 -10.31
N ASN A 35 -7.07 3.15 -9.78
CA ASN A 35 -6.98 1.81 -10.33
C ASN A 35 -8.13 0.94 -9.84
N ARG A 36 -8.75 1.35 -8.74
CA ARG A 36 -9.87 0.61 -8.16
C ARG A 36 -9.39 -0.75 -7.63
N LYS A 37 -8.31 -0.73 -6.88
CA LYS A 37 -7.75 -1.95 -6.31
C LYS A 37 -7.48 -1.79 -4.82
N THR A 38 -7.95 -2.76 -4.02
CA THR A 38 -7.76 -2.71 -2.58
C THR A 38 -6.75 -3.77 -2.13
N GLN A 39 -5.67 -3.33 -1.50
CA GLN A 39 -4.64 -4.23 -1.03
C GLN A 39 -3.96 -3.67 0.22
N TYR A 40 -3.65 -4.54 1.17
CA TYR A 40 -3.01 -4.14 2.42
C TYR A 40 -1.55 -3.76 2.16
N GLU A 41 -0.97 -4.29 1.09
CA GLU A 41 0.41 -4.01 0.74
C GLU A 41 0.57 -2.57 0.27
N ASN A 42 1.80 -2.07 0.29
CA ASN A 42 2.08 -0.70 -0.14
C ASN A 42 3.11 -0.69 -1.26
N PRO A 43 2.64 -0.44 -2.49
CA PRO A 43 3.51 -0.38 -3.67
C PRO A 43 4.43 0.83 -3.67
N SER A 44 4.37 1.61 -2.58
CA SER A 44 5.20 2.80 -2.46
C SER A 44 6.67 2.47 -2.70
N GLY A 45 7.37 3.38 -3.36
CA GLY A 45 8.79 3.18 -3.64
C GLY A 45 9.55 4.49 -3.75
N PRO A 46 10.89 4.38 -3.75
CA PRO A 46 11.77 5.55 -3.85
C PRO A 46 11.71 6.21 -5.22
N SER A 47 10.89 5.65 -6.11
CA SER A 47 10.75 6.17 -7.46
C SER A 47 9.79 7.37 -7.48
N SER A 48 8.55 7.13 -7.05
CA SER A 48 7.54 8.18 -7.01
C SER A 48 6.86 8.24 -5.65
N GLY A 49 7.03 9.36 -4.96
CA GLY A 49 6.43 9.51 -3.64
C GLY A 49 6.72 10.87 -3.04
N GLY A 1 14.25 -20.23 -2.20
CA GLY A 1 13.79 -19.65 -3.44
C GLY A 1 13.23 -18.26 -3.24
N SER A 2 13.54 -17.35 -4.17
CA SER A 2 13.06 -15.98 -4.10
C SER A 2 12.82 -15.40 -5.48
N SER A 3 11.55 -15.25 -5.85
CA SER A 3 11.20 -14.72 -7.16
C SER A 3 11.48 -13.22 -7.24
N GLY A 4 10.99 -12.49 -6.23
CA GLY A 4 11.20 -11.05 -6.20
C GLY A 4 10.90 -10.46 -4.85
N SER A 5 11.92 -9.89 -4.21
CA SER A 5 11.75 -9.27 -2.89
C SER A 5 10.79 -8.09 -2.96
N SER A 6 9.57 -8.30 -2.47
CA SER A 6 8.56 -7.25 -2.48
C SER A 6 9.17 -5.90 -2.13
N GLY A 7 9.79 -5.83 -0.95
CA GLY A 7 10.41 -4.59 -0.51
C GLY A 7 9.50 -3.78 0.38
N LEU A 8 9.22 -4.29 1.58
CA LEU A 8 8.36 -3.61 2.53
C LEU A 8 9.06 -2.40 3.12
N ASP A 9 8.38 -1.25 3.07
CA ASP A 9 8.94 -0.01 3.60
C ASP A 9 7.88 0.78 4.38
N SER A 10 8.18 1.06 5.64
CA SER A 10 7.25 1.80 6.49
C SER A 10 7.67 3.26 6.62
N GLU A 11 8.55 3.69 5.73
CA GLU A 11 9.04 5.06 5.75
C GLU A 11 8.65 5.81 4.48
N LEU A 12 7.70 5.23 3.74
CA LEU A 12 7.23 5.84 2.50
C LEU A 12 5.71 5.95 2.48
N GLU A 13 5.19 6.82 1.63
CA GLU A 13 3.75 7.02 1.52
C GLU A 13 3.22 6.45 0.20
N LEU A 14 1.89 6.36 0.10
CA LEU A 14 1.26 5.83 -1.10
C LEU A 14 1.13 6.91 -2.17
N PRO A 15 1.11 6.48 -3.44
CA PRO A 15 0.98 7.40 -4.58
C PRO A 15 -0.41 8.02 -4.67
N ALA A 16 -0.64 8.77 -5.75
CA ALA A 16 -1.93 9.42 -5.95
C ALA A 16 -3.05 8.40 -6.12
N GLY A 17 -4.26 8.76 -5.70
CA GLY A 17 -5.39 7.86 -5.82
C GLY A 17 -5.49 6.91 -4.65
N TRP A 18 -4.36 6.37 -4.22
CA TRP A 18 -4.33 5.43 -3.09
C TRP A 18 -4.63 6.15 -1.78
N GLU A 19 -5.41 5.51 -0.93
CA GLU A 19 -5.78 6.08 0.37
C GLU A 19 -6.01 5.00 1.40
N LYS A 20 -5.14 4.96 2.41
CA LYS A 20 -5.24 3.96 3.47
C LYS A 20 -6.44 4.24 4.36
N ILE A 21 -7.08 3.19 4.85
CA ILE A 21 -8.24 3.32 5.72
C ILE A 21 -8.08 2.50 6.99
N GLU A 22 -8.32 3.14 8.14
CA GLU A 22 -8.19 2.46 9.42
C GLU A 22 -9.58 2.14 10.01
N ASP A 23 -9.85 0.85 10.20
CA ASP A 23 -11.13 0.42 10.76
C ASP A 23 -10.93 -0.73 11.74
N PRO A 24 -11.68 -0.69 12.85
CA PRO A 24 -11.60 -1.73 13.88
C PRO A 24 -12.18 -3.06 13.42
N VAL A 25 -12.82 -3.04 12.24
CA VAL A 25 -13.41 -4.26 11.70
C VAL A 25 -12.68 -4.70 10.44
N TYR A 26 -12.26 -3.73 9.63
CA TYR A 26 -11.54 -4.03 8.38
C TYR A 26 -10.03 -3.88 8.59
N GLY A 27 -9.65 -2.96 9.46
CA GLY A 27 -8.23 -2.75 9.72
C GLY A 27 -7.61 -1.73 8.77
N ILE A 28 -6.35 -1.96 8.41
CA ILE A 28 -5.65 -1.05 7.50
C ILE A 28 -5.68 -1.59 6.07
N TYR A 29 -6.43 -0.91 5.21
CA TYR A 29 -6.54 -1.31 3.82
C TYR A 29 -6.43 -0.10 2.89
N TYR A 30 -5.59 -0.22 1.87
CA TYR A 30 -5.38 0.86 0.92
C TYR A 30 -6.37 0.75 -0.23
N VAL A 31 -7.17 1.80 -0.42
CA VAL A 31 -8.16 1.84 -1.49
C VAL A 31 -7.74 2.80 -2.59
N ASP A 32 -7.50 2.25 -3.79
CA ASP A 32 -7.10 3.06 -4.93
C ASP A 32 -8.30 3.43 -5.79
N HIS A 33 -8.77 4.67 -5.66
CA HIS A 33 -9.91 5.15 -6.42
C HIS A 33 -9.57 5.26 -7.91
N ILE A 34 -8.27 5.29 -8.21
CA ILE A 34 -7.81 5.40 -9.59
C ILE A 34 -7.83 4.04 -10.28
N ASN A 35 -7.02 3.11 -9.78
CA ASN A 35 -6.95 1.77 -10.35
C ASN A 35 -8.12 0.92 -9.88
N ARG A 36 -8.76 1.34 -8.80
CA ARG A 36 -9.90 0.61 -8.25
C ARG A 36 -9.46 -0.75 -7.70
N LYS A 37 -8.39 -0.74 -6.91
CA LYS A 37 -7.88 -1.96 -6.32
C LYS A 37 -7.55 -1.76 -4.85
N THR A 38 -8.03 -2.68 -4.00
CA THR A 38 -7.80 -2.59 -2.57
C THR A 38 -6.77 -3.64 -2.12
N GLN A 39 -5.68 -3.17 -1.55
CA GLN A 39 -4.62 -4.06 -1.08
C GLN A 39 -3.88 -3.46 0.11
N TYR A 40 -3.53 -4.30 1.08
CA TYR A 40 -2.83 -3.85 2.27
C TYR A 40 -1.36 -3.54 1.96
N GLU A 41 -0.84 -4.18 0.92
CA GLU A 41 0.55 -3.98 0.53
C GLU A 41 0.79 -2.54 0.09
N ASN A 42 2.04 -2.11 0.13
CA ASN A 42 2.40 -0.76 -0.25
C ASN A 42 3.28 -0.75 -1.50
N PRO A 43 2.67 -0.44 -2.65
CA PRO A 43 3.37 -0.39 -3.93
C PRO A 43 4.34 0.78 -4.01
N SER A 44 4.47 1.52 -2.93
CA SER A 44 5.37 2.67 -2.88
C SER A 44 6.77 2.27 -3.33
N GLY A 45 7.62 3.27 -3.56
CA GLY A 45 8.98 3.02 -3.99
C GLY A 45 9.29 3.66 -5.33
N PRO A 46 10.55 3.56 -5.76
CA PRO A 46 11.00 4.13 -7.04
C PRO A 46 10.43 3.38 -8.24
N SER A 47 9.42 3.96 -8.87
CA SER A 47 8.79 3.34 -10.03
C SER A 47 9.78 3.21 -11.18
N SER A 48 10.00 1.98 -11.63
CA SER A 48 10.92 1.72 -12.73
C SER A 48 10.17 1.43 -14.02
N GLY A 49 10.60 2.05 -15.11
CA GLY A 49 9.96 1.85 -16.39
C GLY A 49 10.19 3.00 -17.35
N GLY A 1 9.61 -17.22 -2.84
CA GLY A 1 9.37 -16.24 -3.89
C GLY A 1 10.60 -15.41 -4.18
N SER A 2 10.57 -14.67 -5.28
CA SER A 2 11.69 -13.83 -5.68
C SER A 2 11.22 -12.41 -6.01
N SER A 3 11.77 -11.43 -5.32
CA SER A 3 11.40 -10.03 -5.53
C SER A 3 12.63 -9.13 -5.44
N GLY A 4 12.52 -7.93 -6.00
CA GLY A 4 13.62 -7.00 -5.97
C GLY A 4 13.45 -5.93 -4.91
N SER A 5 13.50 -6.34 -3.65
CA SER A 5 13.35 -5.41 -2.54
C SER A 5 14.42 -5.64 -1.48
N SER A 6 15.30 -4.65 -1.31
CA SER A 6 16.38 -4.75 -0.33
C SER A 6 15.83 -4.93 1.08
N GLY A 7 14.83 -4.10 1.43
CA GLY A 7 14.24 -4.18 2.74
C GLY A 7 12.74 -3.94 2.71
N LEU A 8 12.20 -3.45 3.82
CA LEU A 8 10.77 -3.17 3.91
C LEU A 8 10.46 -1.74 3.49
N ASP A 9 9.54 -1.59 2.55
CA ASP A 9 9.15 -0.28 2.06
C ASP A 9 7.78 0.12 2.60
N SER A 10 7.36 -0.55 3.66
CA SER A 10 6.06 -0.27 4.28
C SER A 10 6.13 0.99 5.13
N GLU A 11 7.25 1.69 5.05
CA GLU A 11 7.45 2.92 5.82
C GLU A 11 7.37 4.14 4.92
N LEU A 12 6.84 3.96 3.72
CA LEU A 12 6.71 5.04 2.75
C LEU A 12 5.25 5.33 2.44
N GLU A 13 4.93 6.59 2.19
CA GLU A 13 3.56 6.99 1.87
C GLU A 13 3.11 6.36 0.56
N LEU A 14 1.81 6.51 0.27
CA LEU A 14 1.24 5.94 -0.95
C LEU A 14 1.12 7.01 -2.03
N PRO A 15 1.15 6.57 -3.31
CA PRO A 15 1.04 7.48 -4.45
C PRO A 15 -0.36 8.07 -4.58
N ALA A 16 -0.59 8.77 -5.69
CA ALA A 16 -1.89 9.39 -5.94
C ALA A 16 -2.97 8.34 -6.18
N GLY A 17 -4.20 8.65 -5.76
CA GLY A 17 -5.29 7.72 -5.93
C GLY A 17 -5.43 6.75 -4.77
N TRP A 18 -4.30 6.28 -4.26
CA TRP A 18 -4.30 5.35 -3.14
C TRP A 18 -4.65 6.06 -1.84
N GLU A 19 -5.60 5.49 -1.09
CA GLU A 19 -6.03 6.07 0.17
C GLU A 19 -6.19 5.00 1.24
N LYS A 20 -5.35 5.04 2.25
CA LYS A 20 -5.39 4.07 3.34
C LYS A 20 -6.56 4.37 4.28
N ILE A 21 -7.17 3.32 4.81
CA ILE A 21 -8.30 3.47 5.72
C ILE A 21 -8.10 2.62 6.97
N GLU A 22 -8.33 3.22 8.14
CA GLU A 22 -8.18 2.53 9.41
C GLU A 22 -9.54 2.18 9.99
N ASP A 23 -9.77 0.88 10.19
CA ASP A 23 -11.03 0.40 10.75
C ASP A 23 -10.81 -0.74 11.73
N PRO A 24 -11.51 -0.70 12.87
CA PRO A 24 -11.41 -1.73 13.91
C PRO A 24 -11.99 -3.07 13.46
N VAL A 25 -12.64 -3.06 12.31
CA VAL A 25 -13.25 -4.28 11.77
C VAL A 25 -12.55 -4.72 10.49
N TYR A 26 -12.16 -3.76 9.67
CA TYR A 26 -11.48 -4.05 8.41
C TYR A 26 -9.97 -3.90 8.56
N GLY A 27 -9.55 -2.99 9.43
CA GLY A 27 -8.14 -2.76 9.65
C GLY A 27 -7.55 -1.74 8.70
N ILE A 28 -6.28 -1.92 8.35
CA ILE A 28 -5.61 -1.00 7.44
C ILE A 28 -5.63 -1.53 6.01
N TYR A 29 -6.43 -0.88 5.16
CA TYR A 29 -6.53 -1.28 3.76
C TYR A 29 -6.43 -0.07 2.84
N TYR A 30 -5.58 -0.19 1.82
CA TYR A 30 -5.38 0.89 0.86
C TYR A 30 -6.38 0.79 -0.28
N VAL A 31 -7.14 1.87 -0.49
CA VAL A 31 -8.13 1.90 -1.56
C VAL A 31 -7.70 2.85 -2.68
N ASP A 32 -7.48 2.29 -3.87
CA ASP A 32 -7.06 3.08 -5.01
C ASP A 32 -8.27 3.47 -5.86
N HIS A 33 -8.71 4.73 -5.72
CA HIS A 33 -9.85 5.23 -6.46
C HIS A 33 -9.51 5.34 -7.95
N ILE A 34 -8.22 5.31 -8.27
CA ILE A 34 -7.77 5.42 -9.64
C ILE A 34 -7.83 4.06 -10.35
N ASN A 35 -7.10 3.09 -9.80
CA ASN A 35 -7.07 1.76 -10.37
C ASN A 35 -8.22 0.90 -9.82
N ARG A 36 -8.84 1.38 -8.75
CA ARG A 36 -9.95 0.66 -8.14
C ARG A 36 -9.49 -0.70 -7.60
N LYS A 37 -8.38 -0.69 -6.88
CA LYS A 37 -7.83 -1.92 -6.31
C LYS A 37 -7.55 -1.75 -4.82
N THR A 38 -8.03 -2.70 -4.02
CA THR A 38 -7.83 -2.65 -2.58
C THR A 38 -6.82 -3.70 -2.12
N GLN A 39 -5.72 -3.24 -1.54
CA GLN A 39 -4.67 -4.14 -1.07
C GLN A 39 -3.95 -3.55 0.13
N TYR A 40 -3.58 -4.40 1.08
CA TYR A 40 -2.88 -3.96 2.28
C TYR A 40 -1.43 -3.64 1.97
N GLU A 41 -0.89 -4.28 0.94
CA GLU A 41 0.49 -4.07 0.54
C GLU A 41 0.73 -2.62 0.13
N ASN A 42 1.99 -2.20 0.12
CA ASN A 42 2.34 -0.83 -0.25
C ASN A 42 3.20 -0.82 -1.51
N PRO A 43 2.57 -0.49 -2.65
CA PRO A 43 3.27 -0.43 -3.94
C PRO A 43 4.24 0.74 -4.02
N SER A 44 4.28 1.55 -2.97
CA SER A 44 5.17 2.70 -2.92
C SER A 44 6.60 2.30 -3.23
N GLY A 45 7.41 3.27 -3.67
CA GLY A 45 8.79 2.99 -3.99
C GLY A 45 9.25 3.73 -5.23
N PRO A 46 10.58 3.80 -5.42
CA PRO A 46 11.18 4.48 -6.58
C PRO A 46 10.93 3.73 -7.88
N SER A 47 10.91 2.40 -7.80
CA SER A 47 10.69 1.57 -8.97
C SER A 47 9.43 0.71 -8.81
N SER A 48 8.89 0.24 -9.92
CA SER A 48 7.70 -0.59 -9.90
C SER A 48 6.49 0.20 -9.41
N GLY A 49 6.38 1.44 -9.88
CA GLY A 49 5.26 2.30 -9.49
C GLY A 49 3.93 1.60 -9.64
N GLY A 1 15.17 -13.15 -9.43
CA GLY A 1 15.82 -12.81 -10.69
C GLY A 1 16.92 -11.77 -10.51
N SER A 2 17.48 -11.31 -11.63
CA SER A 2 18.53 -10.31 -11.59
C SER A 2 18.18 -9.18 -10.63
N SER A 3 17.05 -8.54 -10.87
CA SER A 3 16.59 -7.43 -10.04
C SER A 3 15.72 -7.94 -8.90
N GLY A 4 15.55 -7.10 -7.88
CA GLY A 4 14.73 -7.48 -6.74
C GLY A 4 15.17 -6.80 -5.46
N SER A 5 15.21 -5.47 -5.47
CA SER A 5 15.63 -4.71 -4.30
C SER A 5 14.95 -5.24 -3.04
N SER A 6 13.63 -5.32 -3.07
CA SER A 6 12.86 -5.81 -1.93
C SER A 6 13.23 -5.03 -0.66
N GLY A 7 13.38 -3.72 -0.80
CA GLY A 7 13.73 -2.89 0.34
C GLY A 7 12.67 -1.84 0.64
N LEU A 8 11.55 -2.27 1.21
CA LEU A 8 10.46 -1.35 1.54
C LEU A 8 10.61 -0.84 2.96
N ASP A 9 10.30 0.44 3.16
CA ASP A 9 10.39 1.06 4.48
C ASP A 9 9.05 1.65 4.89
N SER A 10 8.83 1.76 6.20
CA SER A 10 7.59 2.30 6.72
C SER A 10 7.65 3.82 6.81
N GLU A 11 8.61 4.41 6.10
CA GLU A 11 8.78 5.86 6.10
C GLU A 11 8.43 6.44 4.73
N LEU A 12 7.71 5.66 3.93
CA LEU A 12 7.31 6.10 2.60
C LEU A 12 5.80 6.28 2.51
N GLU A 13 5.36 7.09 1.55
CA GLU A 13 3.93 7.34 1.36
C GLU A 13 3.43 6.68 0.09
N LEU A 14 2.12 6.72 -0.12
CA LEU A 14 1.51 6.12 -1.29
C LEU A 14 1.27 7.16 -2.39
N PRO A 15 1.21 6.71 -3.64
CA PRO A 15 1.00 7.58 -4.79
C PRO A 15 -0.42 8.15 -4.83
N ALA A 16 -0.72 8.89 -5.89
CA ALA A 16 -2.04 9.49 -6.05
C ALA A 16 -3.11 8.42 -6.22
N GLY A 17 -4.30 8.67 -5.66
CA GLY A 17 -5.38 7.72 -5.76
C GLY A 17 -5.42 6.77 -4.59
N TRP A 18 -4.26 6.30 -4.16
CA TRP A 18 -4.16 5.38 -3.04
C TRP A 18 -4.44 6.09 -1.72
N GLU A 19 -5.24 5.45 -0.88
CA GLU A 19 -5.60 6.03 0.43
C GLU A 19 -5.84 4.93 1.45
N LYS A 20 -5.00 4.88 2.47
CA LYS A 20 -5.13 3.88 3.53
C LYS A 20 -6.32 4.19 4.43
N ILE A 21 -7.00 3.15 4.89
CA ILE A 21 -8.17 3.31 5.76
C ILE A 21 -8.01 2.48 7.03
N GLU A 22 -8.26 3.10 8.17
CA GLU A 22 -8.16 2.41 9.46
C GLU A 22 -9.54 2.11 10.02
N ASP A 23 -9.84 0.83 10.19
CA ASP A 23 -11.12 0.41 10.71
C ASP A 23 -10.96 -0.76 11.69
N PRO A 24 -11.71 -0.71 12.80
CA PRO A 24 -11.66 -1.75 13.83
C PRO A 24 -12.25 -3.07 13.35
N VAL A 25 -12.85 -3.06 12.16
CA VAL A 25 -13.45 -4.26 11.60
C VAL A 25 -12.72 -4.70 10.33
N TYR A 26 -12.29 -3.73 9.54
CA TYR A 26 -11.57 -4.02 8.31
C TYR A 26 -10.07 -3.89 8.50
N GLY A 27 -9.66 -3.00 9.40
CA GLY A 27 -8.26 -2.79 9.67
C GLY A 27 -7.61 -1.79 8.73
N ILE A 28 -6.35 -2.01 8.40
CA ILE A 28 -5.63 -1.11 7.50
C ILE A 28 -5.66 -1.63 6.07
N TYR A 29 -6.42 -0.95 5.21
CA TYR A 29 -6.53 -1.33 3.81
C TYR A 29 -6.44 -0.11 2.90
N TYR A 30 -5.61 -0.22 1.86
CA TYR A 30 -5.43 0.87 0.92
C TYR A 30 -6.44 0.79 -0.22
N VAL A 31 -7.19 1.86 -0.42
CA VAL A 31 -8.19 1.89 -1.49
C VAL A 31 -7.77 2.85 -2.61
N ASP A 32 -7.54 2.30 -3.79
CA ASP A 32 -7.15 3.11 -4.94
C ASP A 32 -8.35 3.48 -5.79
N HIS A 33 -8.81 4.72 -5.65
CA HIS A 33 -9.96 5.20 -6.41
C HIS A 33 -9.62 5.34 -7.88
N ILE A 34 -8.34 5.30 -8.20
CA ILE A 34 -7.88 5.42 -9.57
C ILE A 34 -7.91 4.07 -10.28
N ASN A 35 -7.12 3.12 -9.79
CA ASN A 35 -7.06 1.79 -10.38
C ASN A 35 -8.19 0.92 -9.86
N ARG A 36 -8.79 1.34 -8.75
CA ARG A 36 -9.90 0.60 -8.15
C ARG A 36 -9.42 -0.75 -7.63
N LYS A 37 -8.31 -0.74 -6.90
CA LYS A 37 -7.74 -1.96 -6.35
C LYS A 37 -7.44 -1.80 -4.86
N THR A 38 -7.97 -2.72 -4.05
CA THR A 38 -7.76 -2.67 -2.61
C THR A 38 -6.75 -3.72 -2.17
N GLN A 39 -5.67 -3.28 -1.52
CA GLN A 39 -4.63 -4.19 -1.05
C GLN A 39 -3.96 -3.63 0.20
N TYR A 40 -3.67 -4.51 1.16
CA TYR A 40 -3.04 -4.11 2.40
C TYR A 40 -1.58 -3.73 2.17
N GLU A 41 -0.99 -4.29 1.12
CA GLU A 41 0.41 -4.01 0.79
C GLU A 41 0.57 -2.58 0.29
N ASN A 42 1.79 -2.08 0.35
CA ASN A 42 2.09 -0.72 -0.10
C ASN A 42 3.11 -0.72 -1.24
N PRO A 43 2.62 -0.43 -2.45
CA PRO A 43 3.47 -0.40 -3.65
C PRO A 43 4.43 0.79 -3.64
N SER A 44 4.41 1.56 -2.55
CA SER A 44 5.27 2.73 -2.43
C SER A 44 6.72 2.36 -2.68
N GLY A 45 7.50 3.34 -3.16
CA GLY A 45 8.91 3.11 -3.44
C GLY A 45 9.42 3.96 -4.58
N PRO A 46 10.69 3.77 -4.94
CA PRO A 46 11.33 4.53 -6.02
C PRO A 46 10.77 4.15 -7.39
N SER A 47 11.12 4.95 -8.40
CA SER A 47 10.66 4.70 -9.76
C SER A 47 9.13 4.67 -9.82
N SER A 48 8.49 5.60 -9.11
CA SER A 48 7.05 5.68 -9.08
C SER A 48 6.50 6.25 -10.38
N GLY A 49 7.13 7.31 -10.86
CA GLY A 49 6.69 7.94 -12.09
C GLY A 49 7.85 8.26 -13.02
N GLY A 1 5.28 -16.02 0.09
CA GLY A 1 6.41 -15.12 -0.12
C GLY A 1 7.02 -14.64 1.18
N SER A 2 8.35 -14.63 1.24
CA SER A 2 9.05 -14.19 2.45
C SER A 2 9.61 -12.78 2.27
N SER A 3 9.83 -12.10 3.38
CA SER A 3 10.35 -10.73 3.35
C SER A 3 11.87 -10.74 3.35
N GLY A 4 12.46 -9.73 2.70
CA GLY A 4 13.91 -9.64 2.63
C GLY A 4 14.37 -8.71 1.53
N SER A 5 14.59 -9.26 0.34
CA SER A 5 15.04 -8.46 -0.79
C SER A 5 13.92 -7.59 -1.34
N SER A 6 12.71 -8.14 -1.35
CA SER A 6 11.54 -7.41 -1.85
C SER A 6 11.39 -6.07 -1.12
N GLY A 7 10.70 -5.13 -1.77
CA GLY A 7 10.50 -3.84 -1.17
C GLY A 7 10.06 -3.91 0.27
N LEU A 8 8.75 -3.91 0.51
CA LEU A 8 8.21 -3.99 1.86
C LEU A 8 8.67 -2.81 2.70
N ASP A 9 8.67 -1.62 2.11
CA ASP A 9 9.08 -0.41 2.81
C ASP A 9 7.89 0.28 3.46
N SER A 10 7.93 0.38 4.79
CA SER A 10 6.86 1.00 5.55
C SER A 10 7.23 2.43 5.93
N GLU A 11 8.23 2.99 5.24
CA GLU A 11 8.67 4.34 5.52
C GLU A 11 8.39 5.26 4.33
N LEU A 12 7.50 4.81 3.44
CA LEU A 12 7.14 5.59 2.26
C LEU A 12 5.63 5.73 2.15
N GLU A 13 5.19 6.87 1.61
CA GLU A 13 3.76 7.13 1.44
C GLU A 13 3.25 6.53 0.14
N LEU A 14 1.93 6.41 0.03
CA LEU A 14 1.31 5.86 -1.17
C LEU A 14 1.17 6.93 -2.25
N PRO A 15 1.13 6.49 -3.51
CA PRO A 15 1.00 7.39 -4.67
C PRO A 15 -0.39 8.01 -4.75
N ALA A 16 -0.64 8.74 -5.83
CA ALA A 16 -1.93 9.39 -6.03
C ALA A 16 -3.04 8.35 -6.18
N GLY A 17 -4.25 8.73 -5.76
CA GLY A 17 -5.38 7.83 -5.84
C GLY A 17 -5.46 6.88 -4.67
N TRP A 18 -4.32 6.35 -4.26
CA TRP A 18 -4.25 5.43 -3.13
C TRP A 18 -4.56 6.14 -1.82
N GLU A 19 -5.31 5.47 -0.95
CA GLU A 19 -5.66 6.04 0.35
C GLU A 19 -5.91 4.94 1.38
N LYS A 20 -5.09 4.94 2.42
CA LYS A 20 -5.22 3.94 3.49
C LYS A 20 -6.43 4.25 4.38
N ILE A 21 -7.06 3.19 4.89
CA ILE A 21 -8.21 3.36 5.76
C ILE A 21 -8.07 2.52 7.03
N GLU A 22 -8.33 3.14 8.18
CA GLU A 22 -8.23 2.45 9.45
C GLU A 22 -9.61 2.13 10.02
N ASP A 23 -9.90 0.84 10.17
CA ASP A 23 -11.19 0.41 10.70
C ASP A 23 -11.02 -0.74 11.69
N PRO A 24 -11.76 -0.67 12.80
CA PRO A 24 -11.70 -1.69 13.86
C PRO A 24 -12.31 -3.01 13.42
N VAL A 25 -12.86 -3.03 12.21
CA VAL A 25 -13.47 -4.24 11.65
C VAL A 25 -12.74 -4.70 10.40
N TYR A 26 -12.31 -3.74 9.59
CA TYR A 26 -11.60 -4.06 8.35
C TYR A 26 -10.10 -3.93 8.54
N GLY A 27 -9.69 -3.03 9.42
CA GLY A 27 -8.29 -2.82 9.68
C GLY A 27 -7.67 -1.79 8.75
N ILE A 28 -6.40 -1.99 8.40
CA ILE A 28 -5.69 -1.07 7.51
C ILE A 28 -5.69 -1.59 6.08
N TYR A 29 -6.46 -0.94 5.22
CA TYR A 29 -6.55 -1.33 3.82
C TYR A 29 -6.46 -0.11 2.90
N TYR A 30 -5.61 -0.21 1.89
CA TYR A 30 -5.42 0.88 0.94
C TYR A 30 -6.42 0.78 -0.21
N VAL A 31 -7.20 1.83 -0.40
CA VAL A 31 -8.20 1.87 -1.47
C VAL A 31 -7.77 2.82 -2.59
N ASP A 32 -7.54 2.26 -3.76
CA ASP A 32 -7.14 3.06 -4.92
C ASP A 32 -8.33 3.44 -5.78
N HIS A 33 -8.79 4.68 -5.63
CA HIS A 33 -9.93 5.18 -6.39
C HIS A 33 -9.59 5.29 -7.87
N ILE A 34 -8.30 5.33 -8.17
CA ILE A 34 -7.83 5.45 -9.55
C ILE A 34 -7.84 4.09 -10.25
N ASN A 35 -7.12 3.14 -9.67
CA ASN A 35 -7.04 1.79 -10.24
C ASN A 35 -8.18 0.92 -9.73
N ARG A 36 -8.84 1.38 -8.67
CA ARG A 36 -9.96 0.64 -8.09
C ARG A 36 -9.49 -0.71 -7.56
N LYS A 37 -8.40 -0.70 -6.81
CA LYS A 37 -7.85 -1.93 -6.25
C LYS A 37 -7.54 -1.75 -4.76
N THR A 38 -7.97 -2.72 -3.96
CA THR A 38 -7.74 -2.68 -2.52
C THR A 38 -6.70 -3.70 -2.09
N GLN A 39 -5.60 -3.21 -1.53
CA GLN A 39 -4.53 -4.09 -1.08
C GLN A 39 -3.78 -3.48 0.10
N TYR A 40 -3.45 -4.31 1.08
CA TYR A 40 -2.74 -3.86 2.27
C TYR A 40 -1.28 -3.57 1.95
N GLU A 41 -0.78 -4.16 0.87
CA GLU A 41 0.60 -3.96 0.46
C GLU A 41 0.84 -2.52 0.05
N ASN A 42 2.10 -2.09 0.11
CA ASN A 42 2.48 -0.74 -0.27
C ASN A 42 3.39 -0.74 -1.49
N PRO A 43 2.81 -0.42 -2.66
CA PRO A 43 3.56 -0.38 -3.92
C PRO A 43 4.54 0.79 -3.97
N SER A 44 4.38 1.72 -3.04
CA SER A 44 5.26 2.90 -2.98
C SER A 44 6.73 2.48 -3.00
N GLY A 45 7.59 3.39 -3.45
CA GLY A 45 9.00 3.10 -3.50
C GLY A 45 9.59 3.35 -4.89
N PRO A 46 10.86 2.97 -5.06
CA PRO A 46 11.56 3.13 -6.34
C PRO A 46 11.03 2.20 -7.42
N SER A 47 9.99 1.44 -7.08
CA SER A 47 9.39 0.51 -8.03
C SER A 47 8.61 1.25 -9.11
N SER A 48 8.14 0.52 -10.11
CA SER A 48 7.39 1.11 -11.20
C SER A 48 6.46 2.19 -10.70
N GLY A 49 5.69 1.87 -9.67
CA GLY A 49 4.76 2.84 -9.10
C GLY A 49 3.31 2.49 -9.39
N GLY A 1 22.20 -15.57 11.80
CA GLY A 1 22.48 -14.82 10.60
C GLY A 1 22.90 -13.40 10.89
N SER A 2 24.16 -13.08 10.59
CA SER A 2 24.69 -11.74 10.82
C SER A 2 23.94 -10.70 9.98
N SER A 3 23.35 -9.72 10.66
CA SER A 3 22.60 -8.67 9.98
C SER A 3 22.50 -7.43 10.85
N GLY A 4 23.28 -6.40 10.51
CA GLY A 4 23.26 -5.18 11.27
C GLY A 4 21.93 -4.45 11.17
N SER A 5 21.97 -3.19 10.75
CA SER A 5 20.76 -2.39 10.62
C SER A 5 19.99 -2.77 9.36
N SER A 6 18.68 -2.57 9.39
CA SER A 6 17.82 -2.89 8.25
C SER A 6 17.21 -1.64 7.67
N GLY A 7 16.48 -1.80 6.57
CA GLY A 7 15.83 -0.67 5.92
C GLY A 7 14.85 -1.09 4.86
N LEU A 8 13.60 -0.66 5.00
CA LEU A 8 12.56 -1.00 4.04
C LEU A 8 11.93 0.26 3.45
N ASP A 9 11.14 0.09 2.40
CA ASP A 9 10.48 1.21 1.74
C ASP A 9 9.20 1.59 2.48
N SER A 10 9.07 1.13 3.72
CA SER A 10 7.91 1.42 4.52
C SER A 10 7.96 2.84 5.09
N GLU A 11 8.96 3.61 4.63
CA GLU A 11 9.13 4.98 5.09
C GLU A 11 8.65 5.97 4.04
N LEU A 12 7.97 5.46 3.02
CA LEU A 12 7.46 6.30 1.94
C LEU A 12 5.93 6.27 1.91
N GLU A 13 5.33 7.38 1.49
CA GLU A 13 3.88 7.47 1.40
C GLU A 13 3.37 6.90 0.08
N LEU A 14 2.07 6.64 0.01
CA LEU A 14 1.46 6.10 -1.19
C LEU A 14 1.21 7.19 -2.23
N PRO A 15 1.22 6.80 -3.51
CA PRO A 15 1.01 7.73 -4.63
C PRO A 15 -0.43 8.24 -4.69
N ALA A 16 -0.77 8.91 -5.78
CA ALA A 16 -2.12 9.45 -5.96
C ALA A 16 -3.14 8.33 -6.08
N GLY A 17 -4.38 8.62 -5.71
CA GLY A 17 -5.44 7.62 -5.79
C GLY A 17 -5.45 6.70 -4.59
N TRP A 18 -4.27 6.21 -4.21
CA TRP A 18 -4.15 5.30 -3.07
C TRP A 18 -4.47 6.03 -1.77
N GLU A 19 -5.26 5.39 -0.92
CA GLU A 19 -5.65 5.97 0.36
C GLU A 19 -5.89 4.88 1.40
N LYS A 20 -5.04 4.85 2.43
CA LYS A 20 -5.16 3.87 3.49
C LYS A 20 -6.32 4.21 4.43
N ILE A 21 -7.02 3.18 4.89
CA ILE A 21 -8.14 3.38 5.80
C ILE A 21 -8.01 2.51 7.04
N GLU A 22 -8.18 3.12 8.21
CA GLU A 22 -8.08 2.40 9.47
C GLU A 22 -9.47 2.11 10.05
N ASP A 23 -9.77 0.83 10.22
CA ASP A 23 -11.05 0.42 10.76
C ASP A 23 -10.89 -0.76 11.71
N PRO A 24 -11.65 -0.73 12.83
CA PRO A 24 -11.60 -1.79 13.84
C PRO A 24 -12.21 -3.10 13.35
N VAL A 25 -12.83 -3.04 12.17
CA VAL A 25 -13.45 -4.22 11.58
C VAL A 25 -12.73 -4.65 10.31
N TYR A 26 -12.29 -3.67 9.53
CA TYR A 26 -11.59 -3.95 8.28
C TYR A 26 -10.07 -3.83 8.47
N GLY A 27 -9.67 -2.96 9.38
CA GLY A 27 -8.25 -2.78 9.64
C GLY A 27 -7.61 -1.77 8.70
N ILE A 28 -6.37 -2.02 8.32
CA ILE A 28 -5.64 -1.13 7.42
C ILE A 28 -5.70 -1.64 5.99
N TYR A 29 -6.46 -0.92 5.15
CA TYR A 29 -6.60 -1.31 3.75
C TYR A 29 -6.47 -0.08 2.84
N TYR A 30 -5.66 -0.20 1.80
CA TYR A 30 -5.44 0.89 0.86
C TYR A 30 -6.47 0.84 -0.27
N VAL A 31 -7.19 1.94 -0.45
CA VAL A 31 -8.20 2.04 -1.50
C VAL A 31 -7.78 3.00 -2.59
N ASP A 32 -7.59 2.47 -3.81
CA ASP A 32 -7.18 3.29 -4.94
C ASP A 32 -8.38 3.63 -5.83
N HIS A 33 -8.86 4.86 -5.71
CA HIS A 33 -10.01 5.31 -6.49
C HIS A 33 -9.63 5.42 -7.97
N ILE A 34 -8.35 5.28 -8.27
CA ILE A 34 -7.87 5.37 -9.64
C ILE A 34 -7.87 4.00 -10.31
N ASN A 35 -7.09 3.08 -9.78
CA ASN A 35 -7.00 1.73 -10.33
C ASN A 35 -8.14 0.87 -9.82
N ARG A 36 -8.74 1.28 -8.71
CA ARG A 36 -9.85 0.54 -8.12
C ARG A 36 -9.38 -0.82 -7.59
N LYS A 37 -8.27 -0.81 -6.86
CA LYS A 37 -7.71 -2.04 -6.30
C LYS A 37 -7.43 -1.87 -4.81
N THR A 38 -8.03 -2.73 -4.00
CA THR A 38 -7.84 -2.69 -2.56
C THR A 38 -6.84 -3.74 -2.10
N GLN A 39 -5.73 -3.29 -1.52
CA GLN A 39 -4.71 -4.19 -1.03
C GLN A 39 -3.99 -3.61 0.18
N TYR A 40 -3.67 -4.48 1.14
CA TYR A 40 -2.99 -4.04 2.36
C TYR A 40 -1.52 -3.75 2.09
N GLU A 41 -0.98 -4.38 1.04
CA GLU A 41 0.42 -4.20 0.68
C GLU A 41 0.69 -2.75 0.29
N ASN A 42 1.96 -2.36 0.32
CA ASN A 42 2.36 -1.01 -0.03
C ASN A 42 3.32 -1.00 -1.21
N PRO A 43 2.79 -0.67 -2.41
CA PRO A 43 3.58 -0.62 -3.64
C PRO A 43 4.57 0.54 -3.64
N SER A 44 4.43 1.43 -2.66
CA SER A 44 5.32 2.58 -2.56
C SER A 44 6.78 2.15 -2.43
N GLY A 45 7.68 2.95 -3.00
CA GLY A 45 9.09 2.62 -2.94
C GLY A 45 9.97 3.78 -3.39
N PRO A 46 11.27 3.69 -3.08
CA PRO A 46 12.24 4.73 -3.44
C PRO A 46 12.49 4.78 -4.95
N SER A 47 12.07 5.89 -5.57
CA SER A 47 12.25 6.06 -7.01
C SER A 47 13.73 6.01 -7.38
N SER A 48 14.12 4.96 -8.10
CA SER A 48 15.51 4.79 -8.53
C SER A 48 15.83 5.71 -9.69
N GLY A 49 15.06 5.60 -10.77
CA GLY A 49 15.28 6.43 -11.94
C GLY A 49 14.24 7.52 -12.08
N GLY A 1 12.30 -15.64 1.47
CA GLY A 1 12.22 -15.15 0.11
C GLY A 1 10.99 -14.28 -0.12
N SER A 2 10.37 -14.43 -1.28
CA SER A 2 9.19 -13.65 -1.63
C SER A 2 8.09 -13.85 -0.58
N SER A 3 7.91 -15.09 -0.14
CA SER A 3 6.90 -15.40 0.86
C SER A 3 7.50 -15.43 2.26
N GLY A 4 8.66 -16.06 2.38
CA GLY A 4 9.33 -16.15 3.67
C GLY A 4 9.37 -14.81 4.39
N SER A 5 10.40 -14.02 4.11
CA SER A 5 10.55 -12.72 4.74
C SER A 5 9.36 -11.81 4.43
N SER A 6 8.99 -11.76 3.15
CA SER A 6 7.87 -10.94 2.72
C SER A 6 8.13 -9.47 3.03
N GLY A 7 9.36 -9.02 2.79
CA GLY A 7 9.72 -7.64 3.04
C GLY A 7 8.71 -6.65 2.46
N LEU A 8 8.33 -5.66 3.26
CA LEU A 8 7.36 -4.65 2.82
C LEU A 8 7.72 -3.29 3.39
N ASP A 9 7.99 -2.34 2.50
CA ASP A 9 8.34 -0.98 2.90
C ASP A 9 7.13 -0.27 3.51
N SER A 10 7.13 -0.14 4.83
CA SER A 10 6.03 0.53 5.53
C SER A 10 6.45 1.90 6.02
N GLU A 11 7.57 2.39 5.52
CA GLU A 11 8.08 3.70 5.91
C GLU A 11 7.95 4.70 4.77
N LEU A 12 7.11 4.37 3.79
CA LEU A 12 6.89 5.24 2.64
C LEU A 12 5.40 5.46 2.41
N GLU A 13 5.05 6.65 1.92
CA GLU A 13 3.66 7.00 1.65
C GLU A 13 3.19 6.37 0.35
N LEU A 14 1.89 6.50 0.08
CA LEU A 14 1.32 5.95 -1.14
C LEU A 14 1.15 7.02 -2.21
N PRO A 15 1.14 6.60 -3.48
CA PRO A 15 0.99 7.51 -4.62
C PRO A 15 -0.41 8.12 -4.69
N ALA A 16 -0.69 8.82 -5.78
CA ALA A 16 -1.99 9.45 -5.98
C ALA A 16 -3.09 8.40 -6.14
N GLY A 17 -4.30 8.75 -5.73
CA GLY A 17 -5.42 7.83 -5.84
C GLY A 17 -5.51 6.89 -4.64
N TRP A 18 -4.36 6.36 -4.24
CA TRP A 18 -4.31 5.43 -3.11
C TRP A 18 -4.63 6.16 -1.80
N GLU A 19 -5.37 5.49 -0.92
CA GLU A 19 -5.73 6.06 0.37
C GLU A 19 -5.96 4.98 1.41
N LYS A 20 -5.09 4.95 2.42
CA LYS A 20 -5.21 3.95 3.48
C LYS A 20 -6.38 4.26 4.41
N ILE A 21 -7.06 3.22 4.86
CA ILE A 21 -8.20 3.38 5.74
C ILE A 21 -8.04 2.53 7.00
N GLU A 22 -8.26 3.15 8.16
CA GLU A 22 -8.14 2.45 9.44
C GLU A 22 -9.52 2.14 10.01
N ASP A 23 -9.81 0.86 10.17
CA ASP A 23 -11.09 0.43 10.71
C ASP A 23 -10.91 -0.73 11.69
N PRO A 24 -11.67 -0.68 12.80
CA PRO A 24 -11.61 -1.72 13.84
C PRO A 24 -12.20 -3.05 13.37
N VAL A 25 -12.79 -3.04 12.18
CA VAL A 25 -13.40 -4.24 11.61
C VAL A 25 -12.65 -4.69 10.37
N TYR A 26 -12.22 -3.72 9.57
CA TYR A 26 -11.50 -4.02 8.33
C TYR A 26 -10.00 -3.88 8.54
N GLY A 27 -9.61 -2.95 9.40
CA GLY A 27 -8.19 -2.73 9.68
C GLY A 27 -7.58 -1.73 8.74
N ILE A 28 -6.32 -1.95 8.37
CA ILE A 28 -5.61 -1.05 7.47
C ILE A 28 -5.64 -1.57 6.04
N TYR A 29 -6.40 -0.90 5.18
CA TYR A 29 -6.52 -1.30 3.78
C TYR A 29 -6.43 -0.08 2.87
N TYR A 30 -5.59 -0.18 1.84
CA TYR A 30 -5.41 0.91 0.89
C TYR A 30 -6.41 0.80 -0.26
N VAL A 31 -7.16 1.87 -0.48
CA VAL A 31 -8.15 1.89 -1.55
C VAL A 31 -7.73 2.86 -2.66
N ASP A 32 -7.51 2.32 -3.85
CA ASP A 32 -7.12 3.13 -5.00
C ASP A 32 -8.33 3.50 -5.84
N HIS A 33 -8.79 4.74 -5.70
CA HIS A 33 -9.93 5.23 -6.45
C HIS A 33 -9.61 5.33 -7.94
N ILE A 34 -8.31 5.29 -8.26
CA ILE A 34 -7.87 5.38 -9.65
C ILE A 34 -7.90 4.02 -10.32
N ASN A 35 -7.11 3.08 -9.79
CA ASN A 35 -7.04 1.73 -10.35
C ASN A 35 -8.18 0.88 -9.81
N ARG A 36 -8.82 1.33 -8.74
CA ARG A 36 -9.93 0.61 -8.13
C ARG A 36 -9.46 -0.75 -7.60
N LYS A 37 -8.35 -0.73 -6.86
CA LYS A 37 -7.80 -1.95 -6.30
C LYS A 37 -7.51 -1.77 -4.81
N THR A 38 -7.97 -2.72 -4.00
CA THR A 38 -7.76 -2.67 -2.56
C THR A 38 -6.73 -3.72 -2.11
N GLN A 39 -5.65 -3.26 -1.51
CA GLN A 39 -4.59 -4.15 -1.05
C GLN A 39 -3.89 -3.57 0.17
N TYR A 40 -3.56 -4.43 1.14
CA TYR A 40 -2.88 -4.00 2.35
C TYR A 40 -1.41 -3.68 2.07
N GLU A 41 -0.89 -4.25 0.99
CA GLU A 41 0.51 -4.04 0.62
C GLU A 41 0.73 -2.60 0.18
N ASN A 42 1.99 -2.18 0.18
CA ASN A 42 2.35 -0.82 -0.21
C ASN A 42 3.25 -0.83 -1.44
N PRO A 43 2.65 -0.53 -2.60
CA PRO A 43 3.39 -0.50 -3.88
C PRO A 43 4.35 0.68 -3.96
N SER A 44 4.22 1.62 -3.02
CA SER A 44 5.08 2.80 -3.00
C SER A 44 6.49 2.45 -3.46
N GLY A 45 7.12 1.52 -2.74
CA GLY A 45 8.48 1.11 -3.09
C GLY A 45 8.60 0.72 -4.56
N PRO A 46 9.78 0.20 -4.92
CA PRO A 46 10.05 -0.23 -6.30
C PRO A 46 9.27 -1.48 -6.68
N SER A 47 8.44 -1.95 -5.77
CA SER A 47 7.63 -3.14 -6.01
C SER A 47 6.16 -2.78 -6.23
N SER A 48 5.56 -3.38 -7.25
CA SER A 48 4.16 -3.11 -7.57
C SER A 48 3.34 -4.40 -7.52
N GLY A 49 2.05 -4.25 -7.23
CA GLY A 49 1.17 -5.41 -7.16
C GLY A 49 1.07 -5.97 -5.76
N GLY A 1 -2.92 -18.09 3.91
CA GLY A 1 -2.94 -18.93 2.72
C GLY A 1 -1.59 -19.55 2.44
N SER A 2 -1.45 -20.14 1.25
CA SER A 2 -0.20 -20.78 0.86
C SER A 2 0.79 -19.76 0.30
N SER A 3 0.33 -18.97 -0.66
CA SER A 3 1.16 -17.95 -1.28
C SER A 3 1.17 -16.67 -0.46
N GLY A 4 2.06 -15.74 -0.81
CA GLY A 4 2.15 -14.48 -0.10
C GLY A 4 3.08 -13.49 -0.77
N SER A 5 2.88 -12.22 -0.48
CA SER A 5 3.70 -11.16 -1.07
C SER A 5 4.58 -10.50 -0.01
N SER A 6 5.86 -10.34 -0.33
CA SER A 6 6.80 -9.71 0.59
C SER A 6 6.72 -8.19 0.52
N GLY A 7 6.96 -7.55 1.65
CA GLY A 7 6.91 -6.09 1.70
C GLY A 7 8.18 -5.45 1.18
N LEU A 8 8.03 -4.46 0.31
CA LEU A 8 9.17 -3.76 -0.27
C LEU A 8 9.62 -2.62 0.64
N ASP A 9 8.72 -1.68 0.89
CA ASP A 9 9.03 -0.54 1.75
C ASP A 9 7.78 -0.07 2.50
N SER A 10 7.77 -0.33 3.81
CA SER A 10 6.63 0.05 4.65
C SER A 10 6.90 1.38 5.35
N GLU A 11 7.89 2.11 4.86
CA GLU A 11 8.26 3.39 5.44
C GLU A 11 8.06 4.53 4.43
N LEU A 12 7.29 4.25 3.38
CA LEU A 12 7.02 5.24 2.35
C LEU A 12 5.51 5.44 2.17
N GLU A 13 5.13 6.63 1.74
CA GLU A 13 3.72 6.96 1.52
C GLU A 13 3.22 6.33 0.23
N LEU A 14 1.92 6.41 0.01
CA LEU A 14 1.30 5.85 -1.19
C LEU A 14 1.15 6.92 -2.27
N PRO A 15 1.11 6.48 -3.54
CA PRO A 15 0.96 7.38 -4.68
C PRO A 15 -0.42 8.02 -4.75
N ALA A 16 -0.68 8.75 -5.83
CA ALA A 16 -1.96 9.41 -6.02
C ALA A 16 -3.08 8.39 -6.17
N GLY A 17 -4.27 8.77 -5.71
CA GLY A 17 -5.42 7.87 -5.82
C GLY A 17 -5.51 6.93 -4.63
N TRP A 18 -4.38 6.37 -4.22
CA TRP A 18 -4.34 5.44 -3.09
C TRP A 18 -4.65 6.16 -1.79
N GLU A 19 -5.35 5.47 -0.90
CA GLU A 19 -5.71 6.05 0.40
C GLU A 19 -5.95 4.95 1.43
N LYS A 20 -5.11 4.94 2.47
CA LYS A 20 -5.23 3.93 3.53
C LYS A 20 -6.42 4.24 4.43
N ILE A 21 -7.09 3.19 4.90
CA ILE A 21 -8.24 3.34 5.77
C ILE A 21 -8.09 2.51 7.04
N GLU A 22 -8.32 3.14 8.19
CA GLU A 22 -8.22 2.45 9.46
C GLU A 22 -9.60 2.15 10.05
N ASP A 23 -9.89 0.86 10.20
CA ASP A 23 -11.18 0.44 10.75
C ASP A 23 -11.00 -0.70 11.74
N PRO A 24 -11.77 -0.66 12.84
CA PRO A 24 -11.72 -1.68 13.88
C PRO A 24 -12.30 -3.01 13.42
N VAL A 25 -12.88 -3.02 12.23
CA VAL A 25 -13.48 -4.22 11.68
C VAL A 25 -12.73 -4.68 10.44
N TYR A 26 -12.30 -3.71 9.62
CA TYR A 26 -11.57 -4.02 8.40
C TYR A 26 -10.07 -3.87 8.60
N GLY A 27 -9.68 -2.95 9.49
CA GLY A 27 -8.29 -2.74 9.76
C GLY A 27 -7.65 -1.72 8.83
N ILE A 28 -6.40 -1.95 8.46
CA ILE A 28 -5.68 -1.06 7.55
C ILE A 28 -5.71 -1.59 6.12
N TYR A 29 -6.44 -0.91 5.26
CA TYR A 29 -6.55 -1.31 3.86
C TYR A 29 -6.45 -0.10 2.94
N TYR A 30 -5.62 -0.21 1.91
CA TYR A 30 -5.43 0.88 0.96
C TYR A 30 -6.43 0.77 -0.19
N VAL A 31 -7.19 1.84 -0.40
CA VAL A 31 -8.19 1.86 -1.46
C VAL A 31 -7.77 2.82 -2.59
N ASP A 32 -7.54 2.27 -3.77
CA ASP A 32 -7.14 3.08 -4.92
C ASP A 32 -8.34 3.45 -5.76
N HIS A 33 -8.80 4.69 -5.63
CA HIS A 33 -9.95 5.16 -6.40
C HIS A 33 -9.60 5.29 -7.88
N ILE A 34 -8.32 5.32 -8.18
CA ILE A 34 -7.85 5.44 -9.56
C ILE A 34 -7.87 4.08 -10.26
N ASN A 35 -7.07 3.16 -9.76
CA ASN A 35 -6.99 1.82 -10.33
C ASN A 35 -8.13 0.94 -9.85
N ARG A 36 -8.77 1.36 -8.76
CA ARG A 36 -9.88 0.61 -8.19
C ARG A 36 -9.42 -0.74 -7.66
N LYS A 37 -8.33 -0.74 -6.90
CA LYS A 37 -7.79 -1.96 -6.33
C LYS A 37 -7.49 -1.80 -4.85
N THR A 38 -7.94 -2.75 -4.04
CA THR A 38 -7.73 -2.71 -2.60
C THR A 38 -6.67 -3.72 -2.18
N GLN A 39 -5.57 -3.23 -1.61
CA GLN A 39 -4.49 -4.09 -1.16
C GLN A 39 -3.77 -3.48 0.04
N TYR A 40 -3.43 -4.32 1.01
CA TYR A 40 -2.73 -3.86 2.21
C TYR A 40 -1.27 -3.54 1.90
N GLU A 41 -0.74 -4.18 0.86
CA GLU A 41 0.65 -3.97 0.47
C GLU A 41 0.88 -2.53 0.02
N ASN A 42 2.14 -2.10 0.05
CA ASN A 42 2.48 -0.74 -0.35
C ASN A 42 3.39 -0.75 -1.58
N PRO A 43 2.80 -0.47 -2.75
CA PRO A 43 3.53 -0.45 -4.02
C PRO A 43 4.50 0.73 -4.11
N SER A 44 4.52 1.55 -3.05
CA SER A 44 5.41 2.71 -3.01
C SER A 44 6.84 2.32 -3.34
N GLY A 45 7.65 3.32 -3.70
CA GLY A 45 9.04 3.06 -4.04
C GLY A 45 9.61 4.11 -4.97
N PRO A 46 10.92 4.00 -5.26
CA PRO A 46 11.61 4.94 -6.14
C PRO A 46 11.19 4.79 -7.59
N SER A 47 11.79 5.58 -8.47
CA SER A 47 11.48 5.54 -9.90
C SER A 47 9.97 5.67 -10.12
N SER A 48 9.34 6.53 -9.32
CA SER A 48 7.90 6.75 -9.44
C SER A 48 7.52 7.19 -10.85
N GLY A 49 6.24 7.05 -11.19
CA GLY A 49 5.77 7.44 -12.50
C GLY A 49 4.27 7.53 -12.58
N GLY A 1 10.04 -6.63 12.98
CA GLY A 1 9.45 -7.74 12.24
C GLY A 1 8.26 -7.31 11.40
N SER A 2 8.03 -8.02 10.30
CA SER A 2 6.93 -7.71 9.41
C SER A 2 5.63 -7.53 10.19
N SER A 3 5.49 -8.27 11.28
CA SER A 3 4.30 -8.19 12.12
C SER A 3 4.15 -6.80 12.72
N GLY A 4 5.21 -6.30 13.33
CA GLY A 4 5.18 -4.98 13.92
C GLY A 4 4.41 -3.97 13.08
N SER A 5 3.63 -3.13 13.74
CA SER A 5 2.84 -2.13 13.04
C SER A 5 3.74 -1.20 12.22
N SER A 6 4.82 -0.74 12.83
CA SER A 6 5.76 0.16 12.16
C SER A 6 6.99 -0.61 11.68
N GLY A 7 7.10 -0.79 10.37
CA GLY A 7 8.24 -1.50 9.81
C GLY A 7 9.40 -0.58 9.50
N LEU A 8 10.44 -1.14 8.88
CA LEU A 8 11.63 -0.36 8.52
C LEU A 8 11.31 0.63 7.41
N ASP A 9 10.67 0.15 6.35
CA ASP A 9 10.31 1.00 5.22
C ASP A 9 8.86 1.44 5.32
N SER A 10 8.29 1.34 6.51
CA SER A 10 6.90 1.73 6.73
C SER A 10 6.79 3.23 6.96
N GLU A 11 7.83 3.95 6.57
CA GLU A 11 7.85 5.41 6.72
C GLU A 11 7.63 6.10 5.38
N LEU A 12 7.13 5.34 4.41
CA LEU A 12 6.86 5.88 3.08
C LEU A 12 5.37 6.08 2.85
N GLU A 13 5.03 7.12 2.10
CA GLU A 13 3.62 7.41 1.81
C GLU A 13 3.19 6.75 0.50
N LEU A 14 1.88 6.75 0.26
CA LEU A 14 1.34 6.15 -0.96
C LEU A 14 1.16 7.19 -2.05
N PRO A 15 1.19 6.75 -3.31
CA PRO A 15 1.03 7.63 -4.46
C PRO A 15 -0.39 8.16 -4.60
N ALA A 16 -0.67 8.86 -5.69
CA ALA A 16 -1.98 9.42 -5.94
C ALA A 16 -3.03 8.32 -6.11
N GLY A 17 -4.27 8.62 -5.72
CA GLY A 17 -5.34 7.64 -5.83
C GLY A 17 -5.38 6.70 -4.65
N TRP A 18 -4.20 6.29 -4.18
CA TRP A 18 -4.11 5.37 -3.04
C TRP A 18 -4.42 6.09 -1.74
N GLU A 19 -5.29 5.49 -0.93
CA GLU A 19 -5.66 6.07 0.35
C GLU A 19 -5.91 4.99 1.41
N LYS A 20 -5.04 4.95 2.41
CA LYS A 20 -5.16 3.97 3.48
C LYS A 20 -6.34 4.28 4.39
N ILE A 21 -6.99 3.23 4.89
CA ILE A 21 -8.12 3.40 5.78
C ILE A 21 -7.97 2.56 7.04
N GLU A 22 -8.20 3.18 8.20
CA GLU A 22 -8.09 2.49 9.47
C GLU A 22 -9.47 2.17 10.04
N ASP A 23 -9.74 0.88 10.22
CA ASP A 23 -11.03 0.43 10.75
C ASP A 23 -10.84 -0.73 11.73
N PRO A 24 -11.60 -0.70 12.83
CA PRO A 24 -11.53 -1.74 13.86
C PRO A 24 -12.10 -3.08 13.37
N VAL A 25 -12.72 -3.06 12.20
CA VAL A 25 -13.30 -4.26 11.63
C VAL A 25 -12.55 -4.69 10.36
N TYR A 26 -12.13 -3.71 9.57
CA TYR A 26 -11.41 -3.97 8.34
C TYR A 26 -9.91 -3.83 8.55
N GLY A 27 -9.53 -2.91 9.44
CA GLY A 27 -8.12 -2.68 9.71
C GLY A 27 -7.50 -1.67 8.77
N ILE A 28 -6.25 -1.90 8.40
CA ILE A 28 -5.54 -1.01 7.49
C ILE A 28 -5.56 -1.53 6.06
N TYR A 29 -6.34 -0.88 5.21
CA TYR A 29 -6.46 -1.28 3.82
C TYR A 29 -6.38 -0.07 2.90
N TYR A 30 -5.54 -0.17 1.86
CA TYR A 30 -5.38 0.91 0.90
C TYR A 30 -6.39 0.80 -0.24
N VAL A 31 -7.22 1.83 -0.39
CA VAL A 31 -8.23 1.86 -1.43
C VAL A 31 -7.81 2.74 -2.59
N ASP A 32 -7.76 2.17 -3.79
CA ASP A 32 -7.38 2.92 -4.98
C ASP A 32 -8.61 3.38 -5.75
N HIS A 33 -8.74 4.70 -5.89
CA HIS A 33 -9.88 5.27 -6.61
C HIS A 33 -9.53 5.49 -8.08
N ILE A 34 -8.27 5.24 -8.43
CA ILE A 34 -7.82 5.41 -9.80
C ILE A 34 -7.85 4.10 -10.56
N ASN A 35 -7.28 3.05 -9.96
CA ASN A 35 -7.24 1.74 -10.59
C ASN A 35 -8.36 0.84 -10.03
N ARG A 36 -8.97 1.29 -8.94
CA ARG A 36 -10.04 0.53 -8.31
C ARG A 36 -9.53 -0.80 -7.77
N LYS A 37 -8.39 -0.75 -7.08
CA LYS A 37 -7.80 -1.95 -6.51
C LYS A 37 -7.54 -1.78 -5.02
N THR A 38 -8.03 -2.72 -4.22
CA THR A 38 -7.86 -2.67 -2.77
C THR A 38 -6.86 -3.72 -2.30
N GLN A 39 -5.80 -3.25 -1.65
CA GLN A 39 -4.76 -4.15 -1.15
C GLN A 39 -4.09 -3.58 0.10
N TYR A 40 -3.72 -4.46 1.03
CA TYR A 40 -3.08 -4.03 2.25
C TYR A 40 -1.61 -3.74 2.02
N GLU A 41 -1.02 -4.41 1.05
CA GLU A 41 0.40 -4.23 0.73
C GLU A 41 0.67 -2.79 0.32
N ASN A 42 1.93 -2.38 0.42
CA ASN A 42 2.33 -1.02 0.06
C ASN A 42 3.26 -1.04 -1.15
N PRO A 43 2.70 -0.70 -2.33
CA PRO A 43 3.46 -0.67 -3.58
C PRO A 43 4.46 0.49 -3.62
N SER A 44 4.55 1.23 -2.52
CA SER A 44 5.46 2.36 -2.42
C SER A 44 6.87 1.95 -2.82
N GLY A 45 7.75 2.94 -3.00
CA GLY A 45 9.12 2.67 -3.38
C GLY A 45 9.77 3.85 -4.08
N PRO A 46 11.11 3.86 -4.10
CA PRO A 46 11.88 4.93 -4.73
C PRO A 46 11.77 4.90 -6.26
N SER A 47 11.41 6.03 -6.84
CA SER A 47 11.26 6.14 -8.29
C SER A 47 12.60 5.96 -8.99
N SER A 48 13.59 6.76 -8.58
CA SER A 48 14.92 6.68 -9.17
C SER A 48 15.96 7.30 -8.24
N GLY A 49 17.22 6.91 -8.41
CA GLY A 49 18.28 7.42 -7.58
C GLY A 49 18.08 8.88 -7.22
N GLY A 1 24.61 -6.16 -7.57
CA GLY A 1 23.65 -5.19 -7.07
C GLY A 1 22.59 -5.82 -6.21
N SER A 2 22.31 -5.20 -5.07
CA SER A 2 21.31 -5.71 -4.14
C SER A 2 20.77 -4.60 -3.25
N SER A 3 19.49 -4.69 -2.90
CA SER A 3 18.85 -3.67 -2.06
C SER A 3 19.23 -3.88 -0.59
N GLY A 4 19.16 -5.13 -0.15
CA GLY A 4 19.50 -5.44 1.24
C GLY A 4 18.27 -5.73 2.08
N SER A 5 17.52 -6.77 1.71
CA SER A 5 16.32 -7.13 2.44
C SER A 5 15.33 -5.97 2.49
N SER A 6 15.19 -5.28 1.36
CA SER A 6 14.28 -4.14 1.28
C SER A 6 12.83 -4.60 1.22
N GLY A 7 12.55 -5.54 0.33
CA GLY A 7 11.20 -6.07 0.20
C GLY A 7 10.16 -4.97 0.23
N LEU A 8 9.34 -4.95 1.27
CA LEU A 8 8.29 -3.95 1.42
C LEU A 8 8.78 -2.77 2.26
N ASP A 9 8.24 -1.59 1.97
CA ASP A 9 8.63 -0.39 2.70
C ASP A 9 7.42 0.21 3.44
N SER A 10 7.36 -0.01 4.74
CA SER A 10 6.26 0.50 5.55
C SER A 10 6.61 1.86 6.15
N GLU A 11 7.64 2.50 5.60
CA GLU A 11 8.08 3.80 6.07
C GLU A 11 7.87 4.86 5.00
N LEU A 12 7.08 4.53 3.99
CA LEU A 12 6.80 5.46 2.90
C LEU A 12 5.30 5.65 2.72
N GLU A 13 4.93 6.73 2.03
CA GLU A 13 3.52 7.02 1.79
C GLU A 13 3.04 6.39 0.47
N LEU A 14 1.75 6.44 0.23
CA LEU A 14 1.17 5.86 -0.97
C LEU A 14 1.06 6.92 -2.08
N PRO A 15 1.07 6.46 -3.34
CA PRO A 15 0.96 7.34 -4.50
C PRO A 15 -0.42 7.98 -4.63
N ALA A 16 -0.62 8.75 -5.70
CA ALA A 16 -1.89 9.41 -5.93
C ALA A 16 -3.00 8.39 -6.18
N GLY A 17 -4.20 8.71 -5.71
CA GLY A 17 -5.32 7.81 -5.90
C GLY A 17 -5.48 6.83 -4.75
N TRP A 18 -4.36 6.38 -4.19
CA TRP A 18 -4.37 5.44 -3.09
C TRP A 18 -4.68 6.15 -1.77
N GLU A 19 -5.60 5.59 -1.00
CA GLU A 19 -5.99 6.17 0.28
C GLU A 19 -6.17 5.08 1.33
N LYS A 20 -5.28 5.07 2.32
CA LYS A 20 -5.34 4.08 3.39
C LYS A 20 -6.50 4.38 4.34
N ILE A 21 -7.10 3.33 4.88
CA ILE A 21 -8.23 3.48 5.80
C ILE A 21 -8.04 2.61 7.04
N GLU A 22 -8.28 3.19 8.21
CA GLU A 22 -8.13 2.47 9.47
C GLU A 22 -9.49 2.16 10.07
N ASP A 23 -9.78 0.86 10.23
CA ASP A 23 -11.05 0.43 10.79
C ASP A 23 -10.84 -0.74 11.77
N PRO A 24 -11.56 -0.69 12.90
CA PRO A 24 -11.47 -1.73 13.93
C PRO A 24 -12.08 -3.05 13.49
N VAL A 25 -12.74 -3.02 12.33
CA VAL A 25 -13.37 -4.22 11.79
C VAL A 25 -12.69 -4.67 10.51
N TYR A 26 -12.28 -3.71 9.69
CA TYR A 26 -11.60 -4.01 8.43
C TYR A 26 -10.09 -3.90 8.59
N GLY A 27 -9.65 -2.99 9.46
CA GLY A 27 -8.23 -2.80 9.68
C GLY A 27 -7.63 -1.78 8.74
N ILE A 28 -6.36 -1.98 8.38
CA ILE A 28 -5.67 -1.07 7.49
C ILE A 28 -5.71 -1.58 6.05
N TYR A 29 -6.48 -0.90 5.20
CA TYR A 29 -6.61 -1.29 3.80
C TYR A 29 -6.49 -0.07 2.89
N TYR A 30 -5.65 -0.20 1.86
CA TYR A 30 -5.43 0.90 0.91
C TYR A 30 -6.44 0.84 -0.22
N VAL A 31 -7.17 1.93 -0.42
CA VAL A 31 -8.17 1.99 -1.47
C VAL A 31 -7.70 2.86 -2.63
N ASP A 32 -7.50 2.25 -3.79
CA ASP A 32 -7.05 2.98 -4.97
C ASP A 32 -8.23 3.46 -5.80
N HIS A 33 -8.54 4.75 -5.68
CA HIS A 33 -9.65 5.35 -6.42
C HIS A 33 -9.31 5.45 -7.91
N ILE A 34 -8.06 5.22 -8.25
CA ILE A 34 -7.60 5.30 -9.63
C ILE A 34 -7.69 3.94 -10.31
N ASN A 35 -6.95 2.97 -9.77
CA ASN A 35 -6.94 1.61 -10.32
C ASN A 35 -8.16 0.83 -9.85
N ARG A 36 -8.75 1.26 -8.74
CA ARG A 36 -9.92 0.59 -8.17
C ARG A 36 -9.56 -0.79 -7.65
N LYS A 37 -8.47 -0.86 -6.88
CA LYS A 37 -8.02 -2.13 -6.31
C LYS A 37 -7.55 -1.93 -4.88
N THR A 38 -8.16 -2.66 -3.95
CA THR A 38 -7.80 -2.57 -2.55
C THR A 38 -6.76 -3.63 -2.17
N GLN A 39 -5.65 -3.18 -1.59
CA GLN A 39 -4.58 -4.10 -1.20
C GLN A 39 -3.82 -3.53 0.01
N TYR A 40 -3.47 -4.42 0.93
CA TYR A 40 -2.74 -4.03 2.13
C TYR A 40 -1.29 -3.70 1.80
N GLU A 41 -0.81 -4.22 0.67
CA GLU A 41 0.56 -3.99 0.24
C GLU A 41 0.78 -2.52 -0.10
N ASN A 42 2.04 -2.09 -0.06
CA ASN A 42 2.39 -0.72 -0.37
C ASN A 42 3.27 -0.63 -1.61
N PRO A 43 2.65 -0.26 -2.75
CA PRO A 43 3.35 -0.13 -4.02
C PRO A 43 4.32 1.05 -4.05
N SER A 44 4.43 1.74 -2.91
CA SER A 44 5.32 2.89 -2.80
C SER A 44 6.72 2.53 -3.24
N GLY A 45 7.41 3.51 -3.84
CA GLY A 45 8.76 3.27 -4.31
C GLY A 45 8.98 3.75 -5.74
N PRO A 46 10.22 3.64 -6.23
CA PRO A 46 10.58 4.05 -7.58
C PRO A 46 9.98 3.14 -8.64
N SER A 47 10.30 3.42 -9.91
CA SER A 47 9.78 2.63 -11.02
C SER A 47 10.77 1.54 -11.41
N SER A 48 10.24 0.40 -11.85
CA SER A 48 11.06 -0.73 -12.25
C SER A 48 11.42 -0.65 -13.73
N GLY A 49 12.70 -0.44 -14.03
CA GLY A 49 13.14 -0.34 -15.40
C GLY A 49 14.15 0.77 -15.61
N GLY A 1 2.42 -21.39 5.02
CA GLY A 1 2.22 -22.01 3.73
C GLY A 1 2.75 -21.16 2.60
N SER A 2 1.85 -20.48 1.88
CA SER A 2 2.24 -19.63 0.76
C SER A 2 1.81 -18.19 1.01
N SER A 3 2.78 -17.31 1.18
CA SER A 3 2.52 -15.90 1.42
C SER A 3 3.75 -15.04 1.13
N GLY A 4 3.51 -13.78 0.76
CA GLY A 4 4.61 -12.89 0.46
C GLY A 4 5.00 -12.03 1.64
N SER A 5 4.89 -10.71 1.48
CA SER A 5 5.25 -9.77 2.54
C SER A 5 4.66 -8.39 2.26
N SER A 6 4.70 -7.53 3.28
CA SER A 6 4.16 -6.18 3.14
C SER A 6 5.26 -5.21 2.73
N GLY A 7 4.87 -3.96 2.51
CA GLY A 7 5.83 -2.94 2.10
C GLY A 7 7.12 -3.03 2.89
N LEU A 8 8.23 -3.24 2.19
CA LEU A 8 9.54 -3.35 2.83
C LEU A 8 9.67 -2.32 3.96
N ASP A 9 9.15 -1.12 3.73
CA ASP A 9 9.20 -0.06 4.73
C ASP A 9 7.82 0.53 4.96
N SER A 10 7.43 0.62 6.23
CA SER A 10 6.12 1.17 6.59
C SER A 10 6.22 2.66 6.91
N GLU A 11 7.32 3.27 6.49
CA GLU A 11 7.55 4.68 6.73
C GLU A 11 7.42 5.49 5.44
N LEU A 12 6.82 4.87 4.43
CA LEU A 12 6.63 5.52 3.14
C LEU A 12 5.15 5.76 2.86
N GLU A 13 4.85 6.87 2.18
CA GLU A 13 3.48 7.22 1.86
C GLU A 13 3.03 6.54 0.57
N LEU A 14 1.75 6.67 0.24
CA LEU A 14 1.20 6.07 -0.97
C LEU A 14 1.07 7.12 -2.08
N PRO A 15 1.11 6.66 -3.33
CA PRO A 15 0.99 7.53 -4.50
C PRO A 15 -0.42 8.10 -4.66
N ALA A 16 -0.64 8.84 -5.75
CA ALA A 16 -1.94 9.43 -6.00
C ALA A 16 -3.00 8.35 -6.23
N GLY A 17 -4.22 8.63 -5.78
CA GLY A 17 -5.32 7.68 -5.93
C GLY A 17 -5.41 6.73 -4.76
N TRP A 18 -4.27 6.27 -4.27
CA TRP A 18 -4.24 5.35 -3.14
C TRP A 18 -4.58 6.06 -1.85
N GLU A 19 -5.51 5.50 -1.09
CA GLU A 19 -5.93 6.08 0.18
C GLU A 19 -6.11 5.00 1.25
N LYS A 20 -5.25 5.02 2.25
CA LYS A 20 -5.31 4.05 3.33
C LYS A 20 -6.46 4.36 4.28
N ILE A 21 -7.08 3.32 4.82
CA ILE A 21 -8.19 3.47 5.75
C ILE A 21 -8.01 2.61 6.99
N GLU A 22 -8.24 3.22 8.15
CA GLU A 22 -8.10 2.49 9.42
C GLU A 22 -9.47 2.17 10.01
N ASP A 23 -9.74 0.88 10.18
CA ASP A 23 -11.00 0.44 10.75
C ASP A 23 -10.80 -0.73 11.70
N PRO A 24 -11.52 -0.70 12.83
CA PRO A 24 -11.43 -1.75 13.85
C PRO A 24 -12.04 -3.07 13.39
N VAL A 25 -12.71 -3.03 12.24
CA VAL A 25 -13.34 -4.22 11.69
C VAL A 25 -12.65 -4.66 10.40
N TYR A 26 -12.23 -3.70 9.60
CA TYR A 26 -11.55 -3.98 8.34
C TYR A 26 -10.04 -3.87 8.50
N GLY A 27 -9.60 -2.96 9.37
CA GLY A 27 -8.19 -2.77 9.60
C GLY A 27 -7.58 -1.74 8.66
N ILE A 28 -6.32 -1.96 8.29
CA ILE A 28 -5.62 -1.04 7.40
C ILE A 28 -5.65 -1.56 5.96
N TYR A 29 -6.42 -0.88 5.12
CA TYR A 29 -6.53 -1.27 3.71
C TYR A 29 -6.41 -0.05 2.80
N TYR A 30 -5.56 -0.17 1.78
CA TYR A 30 -5.35 0.91 0.83
C TYR A 30 -6.36 0.85 -0.32
N VAL A 31 -7.14 1.90 -0.48
CA VAL A 31 -8.14 1.96 -1.54
C VAL A 31 -7.71 2.90 -2.66
N ASP A 32 -7.50 2.35 -3.84
CA ASP A 32 -7.08 3.13 -4.99
C ASP A 32 -8.27 3.55 -5.83
N HIS A 33 -8.68 4.82 -5.68
CA HIS A 33 -9.82 5.34 -6.42
C HIS A 33 -9.51 5.44 -7.90
N ILE A 34 -8.23 5.31 -8.25
CA ILE A 34 -7.79 5.38 -9.63
C ILE A 34 -7.91 4.02 -10.31
N ASN A 35 -7.15 3.05 -9.82
CA ASN A 35 -7.17 1.70 -10.37
C ASN A 35 -8.32 0.89 -9.80
N ARG A 36 -8.90 1.37 -8.70
CA ARG A 36 -10.01 0.70 -8.05
C ARG A 36 -9.58 -0.67 -7.51
N LYS A 37 -8.45 -0.69 -6.82
CA LYS A 37 -7.93 -1.93 -6.25
C LYS A 37 -7.58 -1.75 -4.78
N THR A 38 -7.95 -2.74 -3.97
CA THR A 38 -7.68 -2.70 -2.54
C THR A 38 -6.69 -3.77 -2.13
N GLN A 39 -5.58 -3.34 -1.51
CA GLN A 39 -4.55 -4.27 -1.07
C GLN A 39 -3.83 -3.74 0.17
N TYR A 40 -3.56 -4.62 1.11
CA TYR A 40 -2.88 -4.24 2.35
C TYR A 40 -1.41 -3.95 2.09
N GLU A 41 -0.91 -4.40 0.94
CA GLU A 41 0.48 -4.18 0.57
C GLU A 41 0.73 -2.73 0.18
N ASN A 42 1.99 -2.31 0.22
CA ASN A 42 2.36 -0.95 -0.12
C ASN A 42 3.27 -0.93 -1.35
N PRO A 43 2.69 -0.60 -2.51
CA PRO A 43 3.42 -0.53 -3.78
C PRO A 43 4.40 0.64 -3.82
N SER A 44 4.49 1.37 -2.71
CA SER A 44 5.39 2.51 -2.62
C SER A 44 6.80 2.13 -3.05
N GLY A 45 7.58 3.13 -3.46
CA GLY A 45 8.94 2.88 -3.90
C GLY A 45 9.24 3.50 -5.25
N PRO A 46 10.54 3.68 -5.54
CA PRO A 46 10.99 4.27 -6.81
C PRO A 46 10.75 3.34 -7.99
N SER A 47 9.89 3.77 -8.91
CA SER A 47 9.57 2.98 -10.10
C SER A 47 10.65 3.14 -11.16
N SER A 48 10.87 4.38 -11.60
CA SER A 48 11.87 4.67 -12.61
C SER A 48 11.63 3.82 -13.86
N GLY A 49 10.37 3.69 -14.25
CA GLY A 49 10.03 2.90 -15.43
C GLY A 49 10.99 3.14 -16.58
N GLY A 1 28.54 -10.38 1.43
CA GLY A 1 27.84 -11.29 0.54
C GLY A 1 26.91 -10.57 -0.41
N SER A 2 26.76 -11.12 -1.61
CA SER A 2 25.89 -10.52 -2.62
C SER A 2 24.59 -10.03 -2.00
N SER A 3 24.00 -10.87 -1.14
CA SER A 3 22.74 -10.51 -0.48
C SER A 3 23.00 -9.57 0.69
N GLY A 4 22.02 -8.71 0.96
CA GLY A 4 22.15 -7.76 2.05
C GLY A 4 20.83 -7.46 2.72
N SER A 5 20.72 -6.28 3.33
CA SER A 5 19.50 -5.87 4.01
C SER A 5 18.32 -5.88 3.04
N SER A 6 17.13 -6.11 3.58
CA SER A 6 15.91 -6.14 2.77
C SER A 6 14.69 -5.82 3.61
N GLY A 7 13.61 -5.40 2.95
CA GLY A 7 12.39 -5.06 3.65
C GLY A 7 11.79 -3.75 3.17
N LEU A 8 10.50 -3.57 3.41
CA LEU A 8 9.81 -2.36 3.00
C LEU A 8 9.95 -1.27 4.05
N ASP A 9 9.86 -0.02 3.61
CA ASP A 9 9.99 1.12 4.52
C ASP A 9 8.62 1.58 5.01
N SER A 10 8.40 1.47 6.32
CA SER A 10 7.14 1.87 6.91
C SER A 10 7.08 3.38 7.13
N GLU A 11 8.02 4.09 6.52
CA GLU A 11 8.09 5.54 6.65
C GLU A 11 7.78 6.22 5.31
N LEU A 12 7.18 5.46 4.40
CA LEU A 12 6.84 5.99 3.08
C LEU A 12 5.32 6.10 2.93
N GLU A 13 4.89 7.01 2.07
CA GLU A 13 3.46 7.22 1.82
C GLU A 13 3.05 6.60 0.49
N LEU A 14 1.74 6.49 0.29
CA LEU A 14 1.20 5.92 -0.95
C LEU A 14 1.10 6.98 -2.03
N PRO A 15 1.13 6.53 -3.30
CA PRO A 15 1.03 7.42 -4.46
C PRO A 15 -0.36 8.03 -4.60
N ALA A 16 -0.57 8.75 -5.70
CA ALA A 16 -1.86 9.38 -5.97
C ALA A 16 -2.94 8.34 -6.24
N GLY A 17 -4.15 8.62 -5.78
CA GLY A 17 -5.26 7.70 -5.98
C GLY A 17 -5.42 6.74 -4.82
N TRP A 18 -4.30 6.27 -4.28
CA TRP A 18 -4.34 5.34 -3.16
C TRP A 18 -4.71 6.05 -1.86
N GLU A 19 -5.67 5.48 -1.14
CA GLU A 19 -6.12 6.06 0.12
C GLU A 19 -6.26 4.99 1.20
N LYS A 20 -5.40 5.05 2.20
CA LYS A 20 -5.43 4.08 3.30
C LYS A 20 -6.58 4.39 4.26
N ILE A 21 -7.15 3.33 4.83
CA ILE A 21 -8.26 3.49 5.77
C ILE A 21 -8.04 2.63 7.01
N GLU A 22 -8.30 3.22 8.18
CA GLU A 22 -8.14 2.51 9.44
C GLU A 22 -9.49 2.17 10.06
N ASP A 23 -9.76 0.88 10.20
CA ASP A 23 -11.03 0.42 10.78
C ASP A 23 -10.79 -0.73 11.75
N PRO A 24 -11.50 -0.69 12.90
CA PRO A 24 -11.38 -1.73 13.93
C PRO A 24 -11.98 -3.05 13.48
N VAL A 25 -12.64 -3.05 12.34
CA VAL A 25 -13.26 -4.26 11.80
C VAL A 25 -12.59 -4.70 10.51
N TYR A 26 -12.19 -3.73 9.70
CA TYR A 26 -11.53 -4.02 8.43
C TYR A 26 -10.02 -3.90 8.57
N GLY A 27 -9.58 -3.00 9.44
CA GLY A 27 -8.16 -2.79 9.65
C GLY A 27 -7.58 -1.77 8.70
N ILE A 28 -6.31 -1.95 8.34
CA ILE A 28 -5.63 -1.04 7.43
C ILE A 28 -5.67 -1.55 6.00
N TYR A 29 -6.45 -0.89 5.15
CA TYR A 29 -6.58 -1.29 3.76
C TYR A 29 -6.45 -0.08 2.83
N TYR A 30 -5.60 -0.21 1.81
CA TYR A 30 -5.39 0.87 0.85
C TYR A 30 -6.41 0.80 -0.28
N VAL A 31 -7.14 1.88 -0.49
CA VAL A 31 -8.14 1.95 -1.54
C VAL A 31 -7.69 2.86 -2.67
N ASP A 32 -7.48 2.28 -3.85
CA ASP A 32 -7.04 3.04 -5.01
C ASP A 32 -8.24 3.52 -5.83
N HIS A 33 -8.58 4.79 -5.67
CA HIS A 33 -9.71 5.37 -6.41
C HIS A 33 -9.40 5.45 -7.90
N ILE A 34 -8.13 5.34 -8.24
CA ILE A 34 -7.71 5.41 -9.64
C ILE A 34 -7.79 4.03 -10.30
N ASN A 35 -7.02 3.09 -9.77
CA ASN A 35 -7.00 1.73 -10.32
C ASN A 35 -8.20 0.93 -9.82
N ARG A 36 -8.84 1.42 -8.77
CA ARG A 36 -10.00 0.76 -8.20
C ARG A 36 -9.63 -0.61 -7.64
N LYS A 37 -8.53 -0.65 -6.89
CA LYS A 37 -8.07 -1.89 -6.28
C LYS A 37 -7.74 -1.70 -4.81
N THR A 38 -7.98 -2.74 -4.01
CA THR A 38 -7.71 -2.68 -2.58
C THR A 38 -6.70 -3.75 -2.17
N GLN A 39 -5.61 -3.31 -1.56
CA GLN A 39 -4.57 -4.23 -1.11
C GLN A 39 -3.84 -3.68 0.11
N TYR A 40 -3.53 -4.56 1.06
CA TYR A 40 -2.84 -4.16 2.28
C TYR A 40 -1.38 -3.84 2.00
N GLU A 41 -0.87 -4.36 0.88
CA GLU A 41 0.52 -4.13 0.49
C GLU A 41 0.74 -2.67 0.10
N ASN A 42 1.99 -2.23 0.19
CA ASN A 42 2.34 -0.85 -0.15
C ASN A 42 3.25 -0.81 -1.38
N PRO A 43 2.67 -0.48 -2.53
CA PRO A 43 3.42 -0.39 -3.80
C PRO A 43 4.38 0.80 -3.82
N SER A 44 4.45 1.51 -2.71
CA SER A 44 5.33 2.68 -2.60
C SER A 44 6.75 2.32 -3.01
N GLY A 45 7.42 3.25 -3.69
CA GLY A 45 8.77 3.02 -4.12
C GLY A 45 8.98 3.33 -5.59
N PRO A 46 10.24 3.49 -6.01
CA PRO A 46 10.59 3.79 -7.41
C PRO A 46 10.34 2.61 -8.33
N SER A 47 10.18 1.43 -7.75
CA SER A 47 9.93 0.21 -8.52
C SER A 47 8.85 0.45 -9.57
N SER A 48 7.77 1.11 -9.16
CA SER A 48 6.65 1.39 -10.06
C SER A 48 7.17 1.90 -11.41
N GLY A 49 8.11 2.85 -11.36
CA GLY A 49 8.66 3.40 -12.58
C GLY A 49 9.80 4.36 -12.30
N GLY A 1 6.18 -19.74 7.21
CA GLY A 1 5.15 -18.86 7.75
C GLY A 1 4.70 -17.82 6.75
N SER A 2 4.71 -16.55 7.16
CA SER A 2 4.30 -15.46 6.30
C SER A 2 5.50 -14.67 5.80
N SER A 3 5.39 -14.11 4.61
CA SER A 3 6.48 -13.33 4.02
C SER A 3 6.57 -11.95 4.67
N GLY A 4 7.80 -11.51 4.94
CA GLY A 4 8.00 -10.21 5.56
C GLY A 4 7.63 -10.21 7.03
N SER A 5 8.63 -10.22 7.90
CA SER A 5 8.42 -10.21 9.34
C SER A 5 7.90 -8.86 9.81
N SER A 6 8.57 -7.79 9.39
CA SER A 6 8.18 -6.44 9.77
C SER A 6 8.06 -5.55 8.54
N GLY A 7 7.34 -4.44 8.69
CA GLY A 7 7.15 -3.51 7.59
C GLY A 7 8.43 -2.78 7.22
N LEU A 8 8.96 -3.08 6.03
CA LEU A 8 10.19 -2.45 5.56
C LEU A 8 9.89 -1.13 4.85
N ASP A 9 9.00 -1.18 3.86
CA ASP A 9 8.63 0.00 3.11
C ASP A 9 7.50 0.76 3.81
N SER A 10 7.31 0.46 5.09
CA SER A 10 6.27 1.12 5.87
C SER A 10 6.68 2.53 6.27
N GLU A 11 7.82 2.98 5.73
CA GLU A 11 8.33 4.31 6.03
C GLU A 11 8.15 5.24 4.83
N LEU A 12 7.31 4.82 3.88
CA LEU A 12 7.06 5.61 2.69
C LEU A 12 5.56 5.88 2.52
N GLU A 13 5.23 6.92 1.77
CA GLU A 13 3.84 7.27 1.52
C GLU A 13 3.33 6.63 0.24
N LEU A 14 2.02 6.72 0.01
CA LEU A 14 1.41 6.15 -1.19
C LEU A 14 1.21 7.21 -2.26
N PRO A 15 1.20 6.78 -3.54
CA PRO A 15 1.02 7.68 -4.68
C PRO A 15 -0.40 8.22 -4.76
N ALA A 16 -0.71 8.90 -5.87
CA ALA A 16 -2.03 9.46 -6.07
C ALA A 16 -3.08 8.36 -6.23
N GLY A 17 -4.29 8.64 -5.77
CA GLY A 17 -5.36 7.66 -5.86
C GLY A 17 -5.40 6.73 -4.68
N TRP A 18 -4.24 6.24 -4.27
CA TRP A 18 -4.15 5.32 -3.14
C TRP A 18 -4.49 6.04 -1.83
N GLU A 19 -5.28 5.38 -0.99
CA GLU A 19 -5.68 5.96 0.29
C GLU A 19 -5.91 4.86 1.33
N LYS A 20 -5.08 4.86 2.38
CA LYS A 20 -5.20 3.87 3.43
C LYS A 20 -6.38 4.19 4.36
N ILE A 21 -7.07 3.15 4.80
CA ILE A 21 -8.21 3.33 5.68
C ILE A 21 -8.06 2.50 6.96
N GLU A 22 -8.29 3.14 8.10
CA GLU A 22 -8.17 2.47 9.39
C GLU A 22 -9.55 2.11 9.94
N ASP A 23 -9.79 0.82 10.11
CA ASP A 23 -11.07 0.35 10.64
C ASP A 23 -10.86 -0.80 11.63
N PRO A 24 -11.64 -0.78 12.72
CA PRO A 24 -11.55 -1.81 13.76
C PRO A 24 -12.09 -3.16 13.29
N VAL A 25 -12.75 -3.16 12.13
CA VAL A 25 -13.31 -4.38 11.57
C VAL A 25 -12.54 -4.81 10.32
N TYR A 26 -12.13 -3.83 9.52
CA TYR A 26 -11.38 -4.11 8.29
C TYR A 26 -9.89 -3.93 8.51
N GLY A 27 -9.53 -2.99 9.38
CA GLY A 27 -8.13 -2.75 9.67
C GLY A 27 -7.53 -1.70 8.74
N ILE A 28 -6.28 -1.94 8.33
CA ILE A 28 -5.59 -1.02 7.44
C ILE A 28 -5.59 -1.54 6.00
N TYR A 29 -6.36 -0.88 5.14
CA TYR A 29 -6.44 -1.29 3.73
C TYR A 29 -6.35 -0.07 2.82
N TYR A 30 -5.54 -0.18 1.78
CA TYR A 30 -5.38 0.91 0.82
C TYR A 30 -6.37 0.79 -0.33
N VAL A 31 -7.12 1.86 -0.57
CA VAL A 31 -8.11 1.88 -1.63
C VAL A 31 -7.71 2.85 -2.73
N ASP A 32 -7.49 2.32 -3.94
CA ASP A 32 -7.11 3.14 -5.08
C ASP A 32 -8.33 3.52 -5.91
N HIS A 33 -8.77 4.76 -5.76
CA HIS A 33 -9.93 5.26 -6.50
C HIS A 33 -9.62 5.37 -7.99
N ILE A 34 -8.33 5.35 -8.32
CA ILE A 34 -7.90 5.46 -9.71
C ILE A 34 -7.94 4.10 -10.40
N ASN A 35 -7.25 3.13 -9.82
CA ASN A 35 -7.21 1.78 -10.38
C ASN A 35 -8.29 0.89 -9.77
N ARG A 36 -9.03 1.46 -8.82
CA ARG A 36 -10.09 0.73 -8.15
C ARG A 36 -9.57 -0.57 -7.55
N LYS A 37 -8.45 -0.48 -6.84
CA LYS A 37 -7.84 -1.65 -6.22
C LYS A 37 -7.90 -1.55 -4.70
N THR A 38 -7.75 -2.69 -4.02
CA THR A 38 -7.79 -2.72 -2.57
C THR A 38 -6.82 -3.77 -2.02
N GLN A 39 -5.73 -3.31 -1.42
CA GLN A 39 -4.73 -4.20 -0.85
C GLN A 39 -4.07 -3.58 0.37
N TYR A 40 -3.76 -4.42 1.36
CA TYR A 40 -3.12 -3.95 2.58
C TYR A 40 -1.64 -3.66 2.36
N GLU A 41 -1.06 -4.34 1.38
CA GLU A 41 0.35 -4.15 1.06
C GLU A 41 0.61 -2.73 0.58
N ASN A 42 1.89 -2.32 0.62
CA ASN A 42 2.27 -0.98 0.20
C ASN A 42 3.20 -1.04 -1.01
N PRO A 43 2.65 -0.78 -2.20
CA PRO A 43 3.43 -0.80 -3.45
C PRO A 43 4.41 0.36 -3.54
N SER A 44 4.28 1.32 -2.63
CA SER A 44 5.15 2.48 -2.62
C SER A 44 6.56 2.11 -3.08
N GLY A 45 7.23 1.27 -2.29
CA GLY A 45 8.58 0.86 -2.63
C GLY A 45 8.63 0.06 -3.92
N PRO A 46 9.85 -0.25 -4.38
CA PRO A 46 10.06 -1.01 -5.61
C PRO A 46 9.64 -2.48 -5.46
N SER A 47 8.34 -2.73 -5.63
CA SER A 47 7.82 -4.09 -5.52
C SER A 47 7.41 -4.63 -6.88
N SER A 48 7.97 -5.79 -7.24
CA SER A 48 7.68 -6.42 -8.52
C SER A 48 6.95 -7.74 -8.32
N GLY A 49 6.55 -8.37 -9.43
CA GLY A 49 5.85 -9.63 -9.35
C GLY A 49 4.35 -9.46 -9.13
N GLY A 1 5.60 -21.18 9.38
CA GLY A 1 6.21 -20.05 10.03
C GLY A 1 6.42 -18.88 9.10
N SER A 2 7.25 -17.92 9.53
CA SER A 2 7.53 -16.74 8.72
C SER A 2 6.27 -15.90 8.55
N SER A 3 5.52 -15.74 9.64
CA SER A 3 4.29 -14.95 9.61
C SER A 3 4.44 -13.73 8.71
N GLY A 4 5.60 -13.09 8.79
CA GLY A 4 5.86 -11.91 7.99
C GLY A 4 6.85 -10.96 8.63
N SER A 5 7.43 -10.07 7.83
CA SER A 5 8.40 -9.11 8.33
C SER A 5 7.72 -7.80 8.72
N SER A 6 8.20 -7.19 9.80
CA SER A 6 7.63 -5.93 10.28
C SER A 6 7.38 -4.98 9.12
N GLY A 7 8.39 -4.77 8.29
CA GLY A 7 8.26 -3.89 7.15
C GLY A 7 9.43 -2.93 7.01
N LEU A 8 10.11 -2.99 5.88
CA LEU A 8 11.25 -2.12 5.63
C LEU A 8 10.81 -0.83 4.94
N ASP A 9 9.97 -0.96 3.93
CA ASP A 9 9.48 0.20 3.19
C ASP A 9 8.11 0.65 3.72
N SER A 10 7.78 0.19 4.92
CA SER A 10 6.51 0.55 5.54
C SER A 10 6.58 1.92 6.20
N GLU A 11 7.60 2.70 5.82
CA GLU A 11 7.77 4.03 6.38
C GLU A 11 7.57 5.09 5.31
N LEU A 12 6.96 4.69 4.19
CA LEU A 12 6.69 5.61 3.09
C LEU A 12 5.20 5.81 2.88
N GLU A 13 4.83 6.81 2.09
CA GLU A 13 3.43 7.09 1.81
C GLU A 13 2.99 6.46 0.49
N LEU A 14 1.69 6.45 0.25
CA LEU A 14 1.15 5.88 -0.98
C LEU A 14 1.07 6.93 -2.09
N PRO A 15 1.06 6.46 -3.34
CA PRO A 15 0.99 7.34 -4.51
C PRO A 15 -0.38 8.01 -4.65
N ALA A 16 -0.60 8.68 -5.78
CA ALA A 16 -1.86 9.36 -6.03
C ALA A 16 -2.98 8.36 -6.30
N GLY A 17 -4.16 8.66 -5.78
CA GLY A 17 -5.31 7.77 -5.98
C GLY A 17 -5.49 6.80 -4.84
N TRP A 18 -4.38 6.39 -4.22
CA TRP A 18 -4.42 5.45 -3.11
C TRP A 18 -4.74 6.16 -1.80
N GLU A 19 -5.43 5.47 -0.90
CA GLU A 19 -5.80 6.04 0.38
C GLU A 19 -5.96 4.95 1.44
N LYS A 20 -5.16 5.03 2.49
CA LYS A 20 -5.20 4.05 3.57
C LYS A 20 -6.37 4.35 4.52
N ILE A 21 -7.01 3.29 4.99
CA ILE A 21 -8.14 3.43 5.91
C ILE A 21 -7.98 2.55 7.13
N GLU A 22 -8.19 3.12 8.31
CA GLU A 22 -8.05 2.38 9.56
C GLU A 22 -9.43 2.08 10.15
N ASP A 23 -9.72 0.80 10.33
CA ASP A 23 -11.00 0.37 10.90
C ASP A 23 -10.80 -0.81 11.85
N PRO A 24 -11.54 -0.78 12.97
CA PRO A 24 -11.46 -1.84 13.98
C PRO A 24 -12.07 -3.15 13.50
N VAL A 25 -12.72 -3.10 12.34
CA VAL A 25 -13.34 -4.29 11.76
C VAL A 25 -12.66 -4.70 10.46
N TYR A 26 -12.27 -3.70 9.67
CA TYR A 26 -11.60 -3.95 8.40
C TYR A 26 -10.09 -3.82 8.53
N GLY A 27 -9.65 -2.98 9.47
CA GLY A 27 -8.23 -2.79 9.69
C GLY A 27 -7.63 -1.79 8.72
N ILE A 28 -6.34 -1.96 8.43
CA ILE A 28 -5.64 -1.07 7.51
C ILE A 28 -5.74 -1.58 6.08
N TYR A 29 -6.48 -0.86 5.24
CA TYR A 29 -6.65 -1.25 3.85
C TYR A 29 -6.53 -0.03 2.93
N TYR A 30 -5.71 -0.17 1.89
CA TYR A 30 -5.50 0.91 0.93
C TYR A 30 -6.53 0.86 -0.18
N VAL A 31 -7.13 2.01 -0.49
CA VAL A 31 -8.13 2.10 -1.54
C VAL A 31 -7.65 2.96 -2.70
N ASP A 32 -7.50 2.35 -3.87
CA ASP A 32 -7.04 3.07 -5.06
C ASP A 32 -8.20 3.46 -5.94
N HIS A 33 -8.60 4.73 -5.87
CA HIS A 33 -9.71 5.24 -6.66
C HIS A 33 -9.32 5.34 -8.13
N ILE A 34 -8.03 5.21 -8.41
CA ILE A 34 -7.53 5.28 -9.77
C ILE A 34 -7.62 3.93 -10.48
N ASN A 35 -7.00 2.93 -9.89
CA ASN A 35 -7.01 1.58 -10.46
C ASN A 35 -8.22 0.79 -9.97
N ARG A 36 -8.82 1.26 -8.89
CA ARG A 36 -9.99 0.61 -8.32
C ARG A 36 -9.63 -0.75 -7.73
N LYS A 37 -8.56 -0.79 -6.95
CA LYS A 37 -8.10 -2.03 -6.33
C LYS A 37 -7.66 -1.78 -4.89
N THR A 38 -8.14 -2.61 -3.98
CA THR A 38 -7.80 -2.49 -2.57
C THR A 38 -6.79 -3.56 -2.15
N GLN A 39 -5.68 -3.13 -1.56
CA GLN A 39 -4.64 -4.05 -1.13
C GLN A 39 -3.89 -3.49 0.07
N TYR A 40 -3.54 -4.36 1.01
CA TYR A 40 -2.82 -3.94 2.21
C TYR A 40 -1.36 -3.64 1.89
N GLU A 41 -0.88 -4.18 0.78
CA GLU A 41 0.51 -3.96 0.35
C GLU A 41 0.73 -2.51 -0.03
N ASN A 42 1.98 -2.05 0.09
CA ASN A 42 2.33 -0.68 -0.24
C ASN A 42 3.22 -0.63 -1.48
N PRO A 43 2.62 -0.28 -2.63
CA PRO A 43 3.34 -0.18 -3.90
C PRO A 43 4.31 0.99 -3.94
N SER A 44 4.38 1.71 -2.83
CA SER A 44 5.27 2.87 -2.73
C SER A 44 6.70 2.50 -3.15
N GLY A 45 7.40 3.48 -3.71
CA GLY A 45 8.76 3.23 -4.15
C GLY A 45 9.10 3.98 -5.42
N PRO A 46 10.41 4.06 -5.74
CA PRO A 46 10.89 4.75 -6.94
C PRO A 46 10.53 4.02 -8.22
N SER A 47 9.83 2.89 -8.08
CA SER A 47 9.42 2.09 -9.22
C SER A 47 7.93 2.20 -9.45
N SER A 48 7.54 2.45 -10.71
CA SER A 48 6.14 2.58 -11.07
C SER A 48 5.67 1.39 -11.90
N GLY A 49 4.58 0.76 -11.47
CA GLY A 49 4.05 -0.38 -12.18
C GLY A 49 4.70 -1.68 -11.76
N GLY A 1 16.65 -14.71 -4.73
CA GLY A 1 16.29 -13.36 -5.14
C GLY A 1 17.44 -12.62 -5.79
N SER A 2 17.52 -12.71 -7.11
CA SER A 2 18.58 -12.04 -7.86
C SER A 2 18.19 -10.61 -8.20
N SER A 3 17.12 -10.46 -8.95
CA SER A 3 16.65 -9.14 -9.36
C SER A 3 15.92 -8.45 -8.20
N GLY A 4 14.91 -9.12 -7.67
CA GLY A 4 14.14 -8.56 -6.57
C GLY A 4 14.86 -8.69 -5.24
N SER A 5 15.71 -7.70 -4.93
CA SER A 5 16.46 -7.71 -3.68
C SER A 5 15.63 -7.17 -2.54
N SER A 6 14.97 -6.03 -2.78
CA SER A 6 14.12 -5.40 -1.77
C SER A 6 12.95 -6.30 -1.40
N GLY A 7 12.47 -6.16 -0.17
CA GLY A 7 11.35 -6.97 0.30
C GLY A 7 10.21 -6.13 0.82
N LEU A 8 10.24 -5.81 2.11
CA LEU A 8 9.20 -5.02 2.73
C LEU A 8 9.78 -3.73 3.32
N ASP A 9 9.27 -2.59 2.86
CA ASP A 9 9.74 -1.30 3.35
C ASP A 9 8.75 -0.70 4.34
N SER A 10 9.14 0.39 4.97
CA SER A 10 8.28 1.07 5.95
C SER A 10 8.52 2.57 5.95
N GLU A 11 7.76 3.29 6.77
CA GLU A 11 7.90 4.74 6.86
C GLU A 11 7.76 5.38 5.48
N LEU A 12 6.94 4.76 4.62
CA LEU A 12 6.73 5.27 3.28
C LEU A 12 5.27 5.66 3.07
N GLU A 13 5.01 6.45 2.04
CA GLU A 13 3.65 6.89 1.73
C GLU A 13 3.15 6.26 0.44
N LEU A 14 1.88 6.48 0.12
CA LEU A 14 1.28 5.94 -1.09
C LEU A 14 1.13 7.01 -2.15
N PRO A 15 1.12 6.59 -3.43
CA PRO A 15 0.97 7.50 -4.56
C PRO A 15 -0.42 8.10 -4.65
N ALA A 16 -0.69 8.82 -5.74
CA ALA A 16 -1.99 9.45 -5.94
C ALA A 16 -3.09 8.40 -6.12
N GLY A 17 -4.30 8.75 -5.70
CA GLY A 17 -5.42 7.83 -5.82
C GLY A 17 -5.51 6.87 -4.65
N TRP A 18 -4.35 6.38 -4.20
CA TRP A 18 -4.30 5.45 -3.09
C TRP A 18 -4.60 6.16 -1.77
N GLU A 19 -5.35 5.48 -0.90
CA GLU A 19 -5.71 6.05 0.39
C GLU A 19 -5.94 4.96 1.43
N LYS A 20 -5.10 4.92 2.44
CA LYS A 20 -5.21 3.91 3.50
C LYS A 20 -6.38 4.24 4.43
N ILE A 21 -7.11 3.20 4.81
CA ILE A 21 -8.26 3.38 5.71
C ILE A 21 -8.09 2.55 6.98
N GLU A 22 -8.30 3.19 8.13
CA GLU A 22 -8.18 2.52 9.41
C GLU A 22 -9.55 2.20 9.99
N ASP A 23 -9.82 0.91 10.18
CA ASP A 23 -11.09 0.47 10.72
C ASP A 23 -10.89 -0.68 11.72
N PRO A 24 -11.62 -0.62 12.84
CA PRO A 24 -11.54 -1.64 13.89
C PRO A 24 -12.13 -2.98 13.45
N VAL A 25 -12.78 -2.97 12.28
CA VAL A 25 -13.39 -4.19 11.75
C VAL A 25 -12.67 -4.65 10.49
N TYR A 26 -12.26 -3.69 9.66
CA TYR A 26 -11.56 -4.01 8.42
C TYR A 26 -10.06 -3.89 8.60
N GLY A 27 -9.64 -2.96 9.46
CA GLY A 27 -8.22 -2.77 9.70
C GLY A 27 -7.61 -1.74 8.76
N ILE A 28 -6.35 -1.96 8.39
CA ILE A 28 -5.66 -1.05 7.48
C ILE A 28 -5.67 -1.57 6.06
N TYR A 29 -6.44 -0.93 5.20
CA TYR A 29 -6.55 -1.33 3.81
C TYR A 29 -6.46 -0.12 2.88
N TYR A 30 -5.61 -0.23 1.86
CA TYR A 30 -5.42 0.85 0.91
C TYR A 30 -6.42 0.74 -0.25
N VAL A 31 -7.20 1.80 -0.44
CA VAL A 31 -8.19 1.82 -1.51
C VAL A 31 -7.78 2.77 -2.63
N ASP A 32 -7.54 2.22 -3.81
CA ASP A 32 -7.14 3.01 -4.96
C ASP A 32 -8.35 3.39 -5.81
N HIS A 33 -8.81 4.62 -5.67
CA HIS A 33 -9.95 5.11 -6.43
C HIS A 33 -9.61 5.23 -7.92
N ILE A 34 -8.31 5.28 -8.21
CA ILE A 34 -7.86 5.40 -9.59
C ILE A 34 -7.85 4.04 -10.29
N ASN A 35 -7.05 3.12 -9.79
CA ASN A 35 -6.94 1.78 -10.36
C ASN A 35 -8.10 0.91 -9.89
N ARG A 36 -8.77 1.34 -8.82
CA ARG A 36 -9.89 0.59 -8.26
C ARG A 36 -9.43 -0.76 -7.73
N LYS A 37 -8.35 -0.74 -6.96
CA LYS A 37 -7.81 -1.97 -6.37
C LYS A 37 -7.51 -1.78 -4.90
N THR A 38 -8.00 -2.70 -4.07
CA THR A 38 -7.78 -2.65 -2.64
C THR A 38 -6.75 -3.68 -2.19
N GLN A 39 -5.65 -3.20 -1.61
CA GLN A 39 -4.59 -4.07 -1.15
C GLN A 39 -3.87 -3.46 0.06
N TYR A 40 -3.52 -4.31 1.03
CA TYR A 40 -2.83 -3.85 2.23
C TYR A 40 -1.37 -3.54 1.92
N GLU A 41 -0.83 -4.18 0.88
CA GLU A 41 0.56 -3.98 0.49
C GLU A 41 0.80 -2.53 0.08
N ASN A 42 2.07 -2.13 0.07
CA ASN A 42 2.43 -0.77 -0.30
C ASN A 42 3.31 -0.76 -1.55
N PRO A 43 2.72 -0.43 -2.70
CA PRO A 43 3.43 -0.39 -3.98
C PRO A 43 4.42 0.77 -4.05
N SER A 44 4.31 1.69 -3.08
CA SER A 44 5.19 2.85 -3.04
C SER A 44 6.63 2.47 -3.36
N GLY A 45 7.12 1.43 -2.67
CA GLY A 45 8.48 0.97 -2.89
C GLY A 45 8.81 0.84 -4.36
N PRO A 46 10.08 0.49 -4.66
CA PRO A 46 10.56 0.33 -6.04
C PRO A 46 9.96 -0.90 -6.71
N SER A 47 9.97 -0.91 -8.04
CA SER A 47 9.43 -2.03 -8.81
C SER A 47 7.94 -2.18 -8.55
N SER A 48 7.23 -1.06 -8.52
CA SER A 48 5.79 -1.07 -8.29
C SER A 48 5.09 -2.00 -9.28
N GLY A 49 5.24 -1.69 -10.56
CA GLY A 49 4.61 -2.50 -11.59
C GLY A 49 5.49 -3.64 -12.06
N GLY A 1 4.96 -8.65 -10.67
CA GLY A 1 5.79 -9.00 -9.53
C GLY A 1 6.20 -10.45 -9.54
N SER A 2 7.50 -10.69 -9.31
CA SER A 2 8.03 -12.05 -9.29
C SER A 2 7.47 -12.85 -8.12
N SER A 3 7.49 -12.23 -6.94
CA SER A 3 6.98 -12.89 -5.73
C SER A 3 5.87 -12.06 -5.10
N GLY A 4 5.07 -12.71 -4.26
CA GLY A 4 3.97 -12.03 -3.59
C GLY A 4 4.43 -11.26 -2.36
N SER A 5 5.53 -10.53 -2.50
CA SER A 5 6.08 -9.75 -1.39
C SER A 5 6.19 -8.28 -1.77
N SER A 6 5.49 -7.43 -1.03
CA SER A 6 5.51 -5.99 -1.29
C SER A 6 5.27 -5.21 0.01
N GLY A 7 5.84 -4.00 0.07
CA GLY A 7 5.67 -3.18 1.26
C GLY A 7 6.75 -3.41 2.29
N LEU A 8 7.99 -3.10 1.93
CA LEU A 8 9.12 -3.28 2.83
C LEU A 8 9.15 -2.19 3.89
N ASP A 9 9.12 -0.94 3.44
CA ASP A 9 9.14 0.20 4.35
C ASP A 9 7.72 0.57 4.79
N SER A 10 7.55 0.74 6.09
CA SER A 10 6.24 1.10 6.65
C SER A 10 6.22 2.55 7.10
N GLU A 11 7.22 3.32 6.65
CA GLU A 11 7.30 4.73 7.01
C GLU A 11 7.18 5.61 5.76
N LEU A 12 6.69 5.02 4.67
CA LEU A 12 6.52 5.76 3.43
C LEU A 12 5.05 5.96 3.11
N GLU A 13 4.74 7.06 2.44
CA GLU A 13 3.36 7.38 2.08
C GLU A 13 2.99 6.72 0.75
N LEU A 14 1.70 6.75 0.42
CA LEU A 14 1.21 6.15 -0.81
C LEU A 14 1.06 7.20 -1.91
N PRO A 15 1.15 6.76 -3.17
CA PRO A 15 1.03 7.66 -4.33
C PRO A 15 -0.39 8.18 -4.51
N ALA A 16 -0.62 8.89 -5.61
CA ALA A 16 -1.94 9.44 -5.90
C ALA A 16 -2.95 8.34 -6.14
N GLY A 17 -4.20 8.60 -5.75
CA GLY A 17 -5.25 7.61 -5.91
C GLY A 17 -5.36 6.66 -4.75
N TRP A 18 -4.21 6.22 -4.25
CA TRP A 18 -4.17 5.29 -3.12
C TRP A 18 -4.57 5.99 -1.82
N GLU A 19 -5.61 5.48 -1.17
CA GLU A 19 -6.09 6.06 0.08
C GLU A 19 -6.21 4.99 1.16
N LYS A 20 -5.34 5.08 2.17
CA LYS A 20 -5.35 4.13 3.27
C LYS A 20 -6.50 4.41 4.23
N ILE A 21 -7.06 3.34 4.79
CA ILE A 21 -8.18 3.49 5.73
C ILE A 21 -7.95 2.64 6.97
N GLU A 22 -8.18 3.23 8.14
CA GLU A 22 -8.00 2.53 9.40
C GLU A 22 -9.35 2.19 10.03
N ASP A 23 -9.60 0.88 10.19
CA ASP A 23 -10.85 0.41 10.78
C ASP A 23 -10.60 -0.73 11.74
N PRO A 24 -11.32 -0.72 12.88
CA PRO A 24 -11.19 -1.76 13.91
C PRO A 24 -11.75 -3.10 13.44
N VAL A 25 -12.46 -3.09 12.33
CA VAL A 25 -13.05 -4.31 11.79
C VAL A 25 -12.34 -4.73 10.50
N TYR A 26 -11.96 -3.76 9.69
CA TYR A 26 -11.28 -4.03 8.44
C TYR A 26 -9.77 -3.86 8.59
N GLY A 27 -9.37 -2.94 9.46
CA GLY A 27 -7.95 -2.69 9.69
C GLY A 27 -7.39 -1.65 8.74
N ILE A 28 -6.17 -1.88 8.28
CA ILE A 28 -5.51 -0.95 7.36
C ILE A 28 -5.54 -1.48 5.93
N TYR A 29 -6.35 -0.84 5.09
CA TYR A 29 -6.47 -1.24 3.70
C TYR A 29 -6.39 -0.04 2.77
N TYR A 30 -5.56 -0.13 1.74
CA TYR A 30 -5.38 0.95 0.79
C TYR A 30 -6.39 0.84 -0.34
N VAL A 31 -7.23 1.86 -0.50
CA VAL A 31 -8.24 1.88 -1.54
C VAL A 31 -7.81 2.77 -2.70
N ASP A 32 -7.62 2.15 -3.87
CA ASP A 32 -7.21 2.89 -5.06
C ASP A 32 -8.42 3.39 -5.83
N HIS A 33 -8.58 4.72 -5.87
CA HIS A 33 -9.70 5.33 -6.57
C HIS A 33 -9.37 5.54 -8.04
N ILE A 34 -8.11 5.29 -8.40
CA ILE A 34 -7.67 5.45 -9.78
C ILE A 34 -7.69 4.12 -10.52
N ASN A 35 -7.11 3.10 -9.92
CA ASN A 35 -7.07 1.77 -10.52
C ASN A 35 -8.21 0.90 -10.00
N ARG A 36 -8.85 1.35 -8.93
CA ARG A 36 -9.96 0.60 -8.34
C ARG A 36 -9.48 -0.72 -7.78
N LYS A 37 -8.34 -0.70 -7.11
CA LYS A 37 -7.77 -1.91 -6.51
C LYS A 37 -7.59 -1.73 -5.00
N THR A 38 -8.08 -2.71 -4.24
CA THR A 38 -7.98 -2.67 -2.78
C THR A 38 -7.02 -3.74 -2.28
N GLN A 39 -5.93 -3.31 -1.66
CA GLN A 39 -4.93 -4.24 -1.12
C GLN A 39 -4.28 -3.68 0.13
N TYR A 40 -3.95 -4.57 1.06
CA TYR A 40 -3.33 -4.17 2.32
C TYR A 40 -1.85 -3.85 2.12
N GLU A 41 -1.22 -4.53 1.18
CA GLU A 41 0.19 -4.32 0.88
C GLU A 41 0.45 -2.86 0.51
N ASN A 42 1.73 -2.48 0.50
CA ASN A 42 2.13 -1.13 0.15
C ASN A 42 3.05 -1.11 -1.06
N PRO A 43 2.49 -0.77 -2.23
CA PRO A 43 3.24 -0.70 -3.49
C PRO A 43 4.24 0.45 -3.50
N SER A 44 4.25 1.23 -2.43
CA SER A 44 5.15 2.38 -2.33
C SER A 44 6.59 1.97 -2.61
N GLY A 45 7.40 2.91 -3.07
CA GLY A 45 8.79 2.64 -3.38
C GLY A 45 9.39 3.64 -4.33
N PRO A 46 10.73 3.63 -4.45
CA PRO A 46 11.45 4.54 -5.33
C PRO A 46 11.22 4.24 -6.80
N SER A 47 10.37 3.25 -7.08
CA SER A 47 10.06 2.85 -8.44
C SER A 47 8.61 3.17 -8.79
N SER A 48 8.42 4.20 -9.61
CA SER A 48 7.08 4.61 -10.02
C SER A 48 6.91 4.49 -11.53
N GLY A 49 5.84 3.84 -11.96
CA GLY A 49 5.57 3.67 -13.37
C GLY A 49 4.16 3.20 -13.65
#